data_5JY9
#
_entry.id   5JY9
#
_cell.length_a   56.392
_cell.length_b   145.351
_cell.length_c   58.437
_cell.angle_alpha   90.00
_cell.angle_beta   108.02
_cell.angle_gamma   90.00
#
_symmetry.space_group_name_H-M   'P 1 21 1'
#
loop_
_entity.id
_entity.type
_entity.pdbx_description
1 polymer 'Putative salicylate synthetase'
2 non-polymer 'FE (II) ION'
3 non-polymer 'ACETATE ION'
4 non-polymer 'SULFATE ION'
5 water water
#
_entity_poly.entity_id   1
_entity_poly.type   'polypeptide(L)'
_entity_poly.pdbx_seq_one_letter_code
;MKISEFLHLALPEEQWLPTISGVLRQFAEEECYVYERQPCWYLGKGCQARLHINADGTQATFIDDAGEQKWAVDSIADCA
RRFMAHPQVKGRRVYGQVGFNFAAHARGIAFNAGEWPLLTLTVPREELIFEKGNVTVYADSADGCRRLCEWVKEASTTTQ
NAPLAVDTALNGEAYKQQVARAVAEIRRGEYVKVIVSRAIPLPSRIDMPATLLYGRQANTPVRSFMFRQEGREALGFSPE
LVMSVTGNKVVTEPLAGTRDRMGNPEHNKAKEAELLHDSKEVLEHILSVKEAIAELEAVCLPGSVVVEDLMSVRQRGSVQ
HLGSGVSGQLAENKDAWDAFTVLFPSITASGIPKNAALNAIMQIEKTPRELYSGAILLLDDTRFDAALVLRSVFQDSQRC
WIQAGAGIIAQSTPERELTETREKLASIAPYLMV
;
_entity_poly.pdbx_strand_id   A,B
#
# COMPACT_ATOMS: atom_id res chain seq x y z
N GLU A 5 10.83 -40.46 19.58
CA GLU A 5 9.78 -41.28 20.17
C GLU A 5 8.32 -40.72 19.98
N PHE A 6 7.49 -41.49 19.25
CA PHE A 6 6.24 -41.07 18.60
C PHE A 6 5.01 -41.60 19.35
N LEU A 7 3.83 -41.10 18.96
CA LEU A 7 2.57 -41.57 19.53
C LEU A 7 1.37 -40.85 18.92
N HIS A 8 0.20 -41.51 18.80
CA HIS A 8 -1.08 -40.80 18.67
C HIS A 8 -1.53 -40.36 20.07
N TRP A 16 -7.67 -32.37 22.47
CA TRP A 16 -6.44 -31.96 21.78
C TRP A 16 -5.65 -30.83 22.46
N LEU A 17 -6.30 -29.68 22.65
CA LEU A 17 -5.74 -28.61 23.46
C LEU A 17 -5.90 -28.91 24.94
N PRO A 18 -7.04 -29.50 25.36
CA PRO A 18 -7.11 -30.01 26.74
C PRO A 18 -5.94 -30.91 27.08
N THR A 19 -5.60 -31.84 26.21
CA THR A 19 -4.48 -32.71 26.55
C THR A 19 -3.22 -31.89 26.79
N ILE A 20 -2.90 -31.00 25.84
CA ILE A 20 -1.74 -30.12 26.00
C ILE A 20 -1.81 -29.38 27.33
N SER A 21 -2.99 -28.85 27.66
CA SER A 21 -3.14 -28.12 28.92
C SER A 21 -2.86 -29.02 30.12
N GLY A 22 -3.38 -30.24 30.09
CA GLY A 22 -3.14 -31.14 31.21
C GLY A 22 -1.68 -31.51 31.33
N VAL A 23 -1.03 -31.79 30.20
CA VAL A 23 0.40 -32.05 30.22
C VAL A 23 1.12 -30.95 30.97
N LEU A 24 0.73 -29.69 30.71
CA LEU A 24 1.43 -28.56 31.29
C LEU A 24 1.21 -28.45 32.79
N ARG A 25 0.07 -28.97 33.27
CA ARG A 25 -0.16 -29.03 34.71
C ARG A 25 0.75 -30.05 35.39
N GLN A 26 1.07 -31.14 34.70
CA GLN A 26 1.95 -32.16 35.26
C GLN A 26 3.39 -31.65 35.34
N PHE A 27 3.84 -30.91 34.31
CA PHE A 27 4.99 -30.03 34.50
C PHE A 27 4.58 -29.22 35.71
N ALA A 28 5.24 -29.41 36.82
CA ALA A 28 4.63 -28.89 38.04
C ALA A 28 5.07 -27.45 38.24
N GLU A 29 6.20 -27.30 38.89
CA GLU A 29 6.88 -26.04 39.10
C GLU A 29 8.04 -25.88 38.16
N GLU A 30 8.29 -26.89 37.33
CA GLU A 30 9.47 -26.93 36.49
C GLU A 30 9.44 -25.79 35.47
N GLU A 31 10.62 -25.44 34.94
CA GLU A 31 10.69 -24.46 33.88
C GLU A 31 10.19 -25.09 32.59
N CYS A 32 9.33 -24.37 31.88
CA CYS A 32 8.88 -24.85 30.59
C CYS A 32 8.52 -23.68 29.70
N TYR A 33 8.43 -23.99 28.41
CA TYR A 33 8.13 -23.07 27.33
C TYR A 33 7.14 -23.73 26.38
N VAL A 34 5.97 -23.10 26.21
CA VAL A 34 4.95 -23.50 25.23
C VAL A 34 4.87 -22.46 24.12
N TYR A 35 4.95 -22.92 22.88
CA TYR A 35 4.82 -22.06 21.71
C TYR A 35 3.88 -22.73 20.71
N GLU A 36 2.81 -22.03 20.32
CA GLU A 36 1.93 -22.45 19.23
C GLU A 36 2.31 -21.74 17.95
N ARG A 37 2.67 -22.53 16.94
CA ARG A 37 2.84 -22.08 15.56
C ARG A 37 2.14 -23.14 14.72
N GLN A 38 0.91 -22.87 14.29
CA GLN A 38 0.16 -23.87 13.55
C GLN A 38 1.01 -24.33 12.39
N PRO A 39 1.04 -25.65 12.11
CA PRO A 39 0.25 -26.77 12.67
C PRO A 39 0.73 -27.36 14.01
N CYS A 40 1.75 -26.81 14.67
CA CYS A 40 2.38 -27.47 15.81
C CYS A 40 2.21 -26.70 17.11
N TRP A 41 2.18 -27.45 18.20
CA TRP A 41 2.43 -26.94 19.55
C TRP A 41 3.78 -27.51 20.00
N TYR A 42 4.64 -26.61 20.49
CA TYR A 42 5.97 -26.95 20.95
C TYR A 42 5.98 -26.81 22.46
N LEU A 43 6.45 -27.83 23.15
CA LEU A 43 6.61 -27.82 24.59
C LEU A 43 8.06 -28.10 24.90
N GLY A 44 8.65 -27.25 25.71
CA GLY A 44 10.02 -27.40 26.12
C GLY A 44 10.02 -27.42 27.64
N LYS A 45 10.87 -28.27 28.21
CA LYS A 45 10.93 -28.42 29.66
C LYS A 45 12.37 -28.45 30.11
N GLY A 46 12.64 -27.85 31.24
CA GLY A 46 13.98 -27.82 31.72
C GLY A 46 14.87 -26.89 30.92
N CYS A 47 16.16 -27.03 31.20
CA CYS A 47 17.16 -26.11 30.69
C CYS A 47 18.46 -26.88 30.56
N GLN A 48 18.88 -27.08 29.33
CA GLN A 48 20.15 -27.67 29.01
C GLN A 48 21.22 -26.63 28.73
N ALA A 49 20.86 -25.52 28.08
CA ALA A 49 21.75 -24.37 27.95
C ALA A 49 20.88 -23.13 27.96
N ARG A 50 21.43 -22.06 28.54
CA ARG A 50 20.70 -20.81 28.61
C ARG A 50 21.64 -19.61 28.59
N LEU A 51 21.21 -18.59 27.86
CA LEU A 51 21.80 -17.27 27.91
C LEU A 51 20.82 -16.38 28.64
N HIS A 52 21.31 -15.67 29.64
CA HIS A 52 20.49 -14.78 30.44
C HIS A 52 21.14 -13.42 30.46
N ILE A 53 20.39 -12.40 30.05
CA ILE A 53 20.80 -11.02 30.11
C ILE A 53 19.96 -10.34 31.20
N ASN A 54 20.64 -9.70 32.14
CA ASN A 54 19.88 -9.16 33.27
C ASN A 54 19.16 -7.87 32.87
N ALA A 55 18.38 -7.35 33.83
CA ALA A 55 17.35 -6.36 33.55
C ALA A 55 17.91 -5.03 33.11
N ASP A 56 19.14 -4.66 33.51
CA ASP A 56 19.74 -3.44 33.01
C ASP A 56 20.83 -3.71 32.00
N GLY A 57 21.00 -4.95 31.59
CA GLY A 57 21.93 -5.21 30.50
C GLY A 57 23.37 -5.06 30.91
N THR A 58 23.69 -5.30 32.18
CA THR A 58 25.05 -5.18 32.69
C THR A 58 25.76 -6.52 32.82
N GLN A 59 25.04 -7.63 32.67
CA GLN A 59 25.63 -8.95 32.85
C GLN A 59 24.98 -9.95 31.89
N ALA A 60 25.83 -10.67 31.19
CA ALA A 60 25.40 -11.81 30.40
C ALA A 60 25.96 -13.07 31.05
N THR A 61 25.04 -13.94 31.44
CA THR A 61 25.33 -15.22 32.08
C THR A 61 24.93 -16.32 31.11
N PHE A 62 25.87 -17.23 30.86
CA PHE A 62 25.62 -18.46 30.12
C PHE A 62 25.73 -19.62 31.10
N ILE A 63 24.78 -20.54 31.01
CA ILE A 63 24.73 -21.75 31.81
C ILE A 63 24.53 -22.97 30.92
N ASP A 64 25.37 -23.99 31.08
CA ASP A 64 25.10 -25.33 30.60
C ASP A 64 25.49 -26.31 31.71
N ASP A 65 25.42 -27.61 31.42
CA ASP A 65 25.66 -28.63 32.45
C ASP A 65 27.05 -28.50 33.05
N ALA A 66 28.00 -27.97 32.28
CA ALA A 66 29.38 -27.88 32.71
C ALA A 66 29.61 -26.73 33.67
N GLY A 67 28.76 -25.73 33.66
CA GLY A 67 29.03 -24.60 34.51
C GLY A 67 28.31 -23.36 34.06
N GLU A 68 28.58 -22.31 34.83
CA GLU A 68 28.13 -20.96 34.56
C GLU A 68 29.30 -20.10 34.07
N GLN A 69 29.02 -19.19 33.16
CA GLN A 69 30.01 -18.30 32.59
C GLN A 69 29.41 -16.92 32.53
N LYS A 70 30.27 -15.92 32.63
CA LYS A 70 29.92 -14.56 32.32
C LYS A 70 30.53 -14.26 30.97
N TRP A 71 29.74 -13.69 30.11
CA TRP A 71 30.15 -13.34 28.77
C TRP A 71 30.11 -11.83 28.63
N ALA A 72 31.00 -11.31 27.80
CA ALA A 72 31.03 -9.88 27.54
C ALA A 72 29.71 -9.44 26.93
N VAL A 73 29.21 -8.29 27.39
CA VAL A 73 27.84 -7.86 27.10
C VAL A 73 27.82 -6.44 26.52
N ASP A 74 28.91 -6.04 25.88
CA ASP A 74 28.95 -4.84 25.03
C ASP A 74 27.85 -4.81 23.98
N SER A 75 27.48 -5.98 23.46
CA SER A 75 26.42 -6.07 22.46
C SER A 75 25.54 -7.28 22.74
N ILE A 76 24.30 -7.04 23.14
CA ILE A 76 23.39 -8.15 23.44
C ILE A 76 23.20 -9.00 22.21
N ALA A 77 23.02 -8.36 21.06
CA ALA A 77 22.92 -9.11 19.80
C ALA A 77 24.12 -10.02 19.62
N ASP A 78 25.31 -9.57 20.04
CA ASP A 78 26.50 -10.41 19.87
C ASP A 78 26.51 -11.61 20.82
N CYS A 79 26.05 -11.40 22.05
CA CYS A 79 25.82 -12.52 22.97
C CYS A 79 24.82 -13.52 22.42
N ALA A 80 23.72 -13.02 21.82
CA ALA A 80 22.72 -13.90 21.21
C ALA A 80 23.33 -14.71 20.06
N ARG A 81 24.13 -14.07 19.22
CA ARG A 81 24.82 -14.80 18.14
C ARG A 81 25.75 -15.86 18.72
N ARG A 82 26.50 -15.49 19.76
CA ARG A 82 27.43 -16.40 20.42
C ARG A 82 26.72 -17.64 20.92
N PHE A 83 25.55 -17.44 21.51
CA PHE A 83 24.77 -18.53 22.03
C PHE A 83 24.28 -19.46 20.91
N MET A 84 23.79 -18.89 19.80
CA MET A 84 23.23 -19.72 18.71
C MET A 84 24.32 -20.57 18.06
N ALA A 85 25.55 -20.09 18.04
CA ALA A 85 26.65 -20.85 17.48
C ALA A 85 27.36 -21.75 18.50
N HIS A 86 26.95 -21.72 19.77
CA HIS A 86 27.58 -22.55 20.78
C HIS A 86 27.36 -24.03 20.46
N PRO A 87 28.34 -24.89 20.78
CA PRO A 87 28.16 -26.34 20.51
C PRO A 87 27.03 -27.00 21.29
N GLN A 88 26.71 -26.55 22.49
CA GLN A 88 25.53 -27.08 23.15
C GLN A 88 24.23 -26.60 22.54
N VAL A 89 24.24 -25.73 21.53
CA VAL A 89 23.04 -25.07 21.06
C VAL A 89 22.81 -25.33 19.59
N LYS A 90 23.86 -25.34 18.79
CA LYS A 90 23.75 -25.47 17.35
C LYS A 90 22.90 -26.69 16.99
N GLY A 91 21.90 -26.47 16.15
CA GLY A 91 21.06 -27.56 15.67
C GLY A 91 19.86 -27.86 16.55
N ARG A 92 19.71 -27.16 17.65
CA ARG A 92 18.61 -27.36 18.56
C ARG A 92 17.65 -26.19 18.46
N ARG A 93 16.42 -26.47 18.84
CA ARG A 93 15.39 -25.47 18.95
C ARG A 93 15.60 -24.64 20.21
N VAL A 94 15.50 -23.32 20.06
CA VAL A 94 15.74 -22.37 21.13
C VAL A 94 14.48 -21.58 21.36
N TYR A 95 14.10 -21.44 22.63
CA TYR A 95 12.94 -20.67 23.07
C TYR A 95 13.45 -19.41 23.77
N GLY A 96 12.91 -18.26 23.39
CA GLY A 96 13.47 -17.00 23.80
C GLY A 96 12.41 -16.01 24.19
N GLN A 97 12.83 -15.04 24.99
CA GLN A 97 12.00 -13.91 25.36
C GLN A 97 12.87 -12.66 25.36
N VAL A 98 12.29 -11.55 24.91
CA VAL A 98 13.00 -10.28 24.78
C VAL A 98 12.15 -9.22 25.48
N GLY A 99 12.68 -8.64 26.56
CA GLY A 99 11.94 -7.63 27.27
C GLY A 99 11.92 -6.32 26.52
N PHE A 100 10.88 -5.53 26.82
CA PHE A 100 10.75 -4.20 26.26
C PHE A 100 12.07 -3.46 26.26
N ASN A 101 12.79 -3.50 27.38
CA ASN A 101 13.92 -2.60 27.51
C ASN A 101 15.13 -3.04 26.69
N PHE A 102 15.09 -4.21 26.05
CA PHE A 102 16.14 -4.57 25.10
C PHE A 102 16.31 -3.45 24.06
N ALA A 103 15.20 -2.81 23.66
CA ALA A 103 15.30 -1.75 22.65
C ALA A 103 16.16 -0.59 23.15
N ALA A 104 15.83 -0.06 24.32
CA ALA A 104 16.61 1.03 24.92
C ALA A 104 18.10 0.66 24.99
N HIS A 105 18.41 -0.51 25.51
CA HIS A 105 19.81 -0.92 25.64
C HIS A 105 20.50 -0.99 24.30
N ALA A 106 19.81 -1.53 23.30
CA ALA A 106 20.45 -1.70 22.00
C ALA A 106 20.65 -0.36 21.33
N ARG A 107 19.81 0.62 21.64
CA ARG A 107 19.81 1.91 20.98
C ARG A 107 20.60 2.98 21.73
N GLY A 108 21.16 2.65 22.90
CA GLY A 108 21.93 3.58 23.71
C GLY A 108 21.05 4.64 24.31
N ILE A 109 19.88 4.25 24.80
CA ILE A 109 18.90 5.13 25.40
C ILE A 109 18.79 4.78 26.88
N ALA A 110 19.07 5.76 27.75
CA ALA A 110 18.96 5.52 29.19
C ALA A 110 17.56 5.02 29.51
N PHE A 111 17.46 4.05 30.43
CA PHE A 111 16.14 3.58 30.83
C PHE A 111 16.18 3.19 32.29
N ASN A 112 15.01 3.22 32.91
CA ASN A 112 14.87 2.66 34.26
C ASN A 112 14.63 1.17 34.20
N ALA A 113 15.56 0.40 34.72
CA ALA A 113 15.47 -1.05 34.66
C ALA A 113 14.29 -1.57 35.44
N GLY A 114 13.53 -2.48 34.83
CA GLY A 114 12.57 -3.29 35.57
C GLY A 114 13.23 -4.45 36.30
N GLU A 115 12.48 -5.53 36.47
CA GLU A 115 12.91 -6.70 37.23
C GLU A 115 13.09 -7.97 36.38
N TRP A 116 12.49 -8.02 35.16
CA TRP A 116 12.59 -9.18 34.30
C TRP A 116 13.83 -9.07 33.43
N PRO A 117 14.39 -10.19 32.99
CA PRO A 117 15.58 -10.12 32.14
C PRO A 117 15.28 -9.42 30.80
N LEU A 118 16.32 -8.78 30.22
CA LEU A 118 16.18 -8.21 28.88
C LEU A 118 16.06 -9.28 27.81
N LEU A 119 16.70 -10.42 28.00
CA LEU A 119 16.76 -11.48 27.00
C LEU A 119 17.12 -12.78 27.66
N THR A 120 16.34 -13.81 27.41
CA THR A 120 16.77 -15.18 27.69
C THR A 120 16.62 -16.00 26.42
N LEU A 121 17.56 -16.88 26.21
CA LEU A 121 17.43 -17.96 25.25
C LEU A 121 17.71 -19.27 25.96
N THR A 122 16.88 -20.27 25.70
CA THR A 122 16.96 -21.57 26.38
C THR A 122 16.85 -22.70 25.37
N VAL A 123 17.79 -23.62 25.43
CA VAL A 123 17.64 -24.97 24.88
C VAL A 123 17.07 -25.85 25.99
N PRO A 124 15.88 -26.42 25.82
CA PRO A 124 15.29 -27.22 26.90
C PRO A 124 15.86 -28.64 26.95
N ARG A 125 15.68 -29.28 28.11
CA ARG A 125 16.20 -30.63 28.25
C ARG A 125 15.30 -31.65 27.55
N GLU A 126 13.98 -31.43 27.59
CA GLU A 126 13.00 -32.32 26.97
C GLU A 126 11.97 -31.53 26.16
N GLU A 127 11.50 -32.15 25.06
CA GLU A 127 10.61 -31.51 24.11
C GLU A 127 9.44 -32.42 23.75
N LEU A 128 8.25 -31.85 23.68
CA LEU A 128 7.06 -32.51 23.14
C LEU A 128 6.53 -31.67 22.00
N ILE A 129 6.45 -32.26 20.81
CA ILE A 129 5.93 -31.59 19.63
C ILE A 129 4.59 -32.22 19.27
N PHE A 130 3.51 -31.45 19.39
CA PHE A 130 2.20 -31.88 18.92
C PHE A 130 1.99 -31.41 17.47
N GLU A 131 1.87 -32.38 16.54
CA GLU A 131 1.46 -32.13 15.16
C GLU A 131 0.25 -33.01 14.95
N LYS A 132 -0.90 -32.44 15.25
CA LYS A 132 -2.12 -33.15 15.57
C LYS A 132 -2.38 -34.41 14.74
N GLY A 133 -3.03 -35.41 15.32
CA GLY A 133 -3.48 -35.46 16.71
C GLY A 133 -2.48 -36.27 17.50
N ASN A 134 -1.24 -36.22 17.02
CA ASN A 134 -0.13 -37.01 17.51
C ASN A 134 0.78 -36.17 18.42
N VAL A 135 1.87 -36.78 18.89
CA VAL A 135 2.90 -36.08 19.62
C VAL A 135 4.18 -36.90 19.56
N THR A 136 5.29 -36.24 19.26
CA THR A 136 6.62 -36.81 19.40
C THR A 136 7.27 -36.30 20.67
N VAL A 137 8.03 -37.17 21.32
CA VAL A 137 8.72 -36.87 22.56
C VAL A 137 10.22 -36.96 22.32
N TYR A 138 10.95 -35.95 22.77
CA TYR A 138 12.40 -35.91 22.62
C TYR A 138 13.06 -35.84 23.99
N ALA A 139 14.17 -36.55 24.13
CA ALA A 139 15.00 -36.50 25.32
C ALA A 139 16.23 -37.38 25.17
N ALA A 162 -11.97 -21.96 37.87
CA ALA A 162 -12.98 -20.95 37.48
C ALA A 162 -12.45 -19.49 37.53
N PRO A 163 -13.13 -18.60 36.79
CA PRO A 163 -12.49 -17.38 36.29
C PRO A 163 -12.57 -16.20 37.22
N LEU A 164 -11.59 -15.32 37.06
CA LEU A 164 -11.38 -14.16 37.93
C LEU A 164 -12.03 -12.95 37.28
N ALA A 165 -12.98 -12.34 38.00
CA ALA A 165 -13.61 -11.13 37.51
C ALA A 165 -12.64 -9.97 37.61
N VAL A 166 -12.55 -9.18 36.53
CA VAL A 166 -11.59 -8.11 36.40
C VAL A 166 -12.31 -6.86 35.92
N ASP A 167 -12.11 -5.76 36.62
CA ASP A 167 -12.70 -4.49 36.23
C ASP A 167 -11.67 -3.73 35.39
N THR A 168 -11.83 -3.80 34.09
CA THR A 168 -10.88 -3.13 33.20
C THR A 168 -11.12 -1.64 33.09
N ALA A 169 -12.07 -1.05 33.82
CA ALA A 169 -12.27 0.39 33.79
C ALA A 169 -11.49 1.14 34.86
N LEU A 170 -10.89 0.45 35.81
CA LEU A 170 -10.37 1.14 36.97
C LEU A 170 -9.10 1.91 36.62
N ASN A 171 -9.03 3.14 37.12
CA ASN A 171 -7.92 4.04 36.86
C ASN A 171 -7.95 4.59 35.45
N GLY A 172 -9.11 4.56 34.79
CA GLY A 172 -9.22 5.08 33.44
C GLY A 172 -9.00 6.58 33.37
N GLU A 173 -9.36 7.32 34.41
CA GLU A 173 -9.18 8.78 34.35
C GLU A 173 -7.71 9.14 34.30
N ALA A 174 -6.89 8.45 35.08
CA ALA A 174 -5.46 8.66 35.01
C ALA A 174 -4.90 8.29 33.65
N TYR A 175 -5.43 7.22 33.03
CA TYR A 175 -4.97 6.82 31.70
C TYR A 175 -5.36 7.84 30.63
N LYS A 176 -6.59 8.34 30.67
CA LYS A 176 -6.98 9.37 29.72
C LYS A 176 -6.10 10.60 29.86
N GLN A 177 -5.67 10.90 31.09
CA GLN A 177 -4.68 11.95 31.28
C GLN A 177 -3.37 11.63 30.57
N GLN A 178 -2.89 10.37 30.67
CA GLN A 178 -1.63 10.03 30.00
C GLN A 178 -1.76 10.20 28.49
N VAL A 179 -2.91 9.76 27.95
CA VAL A 179 -3.16 9.93 26.52
C VAL A 179 -3.21 11.41 26.15
N ALA A 180 -3.92 12.22 26.93
CA ALA A 180 -3.96 13.66 26.67
C ALA A 180 -2.55 14.23 26.66
N ARG A 181 -1.67 13.76 27.54
CA ARG A 181 -0.31 14.24 27.52
C ARG A 181 0.37 13.86 26.19
N ALA A 182 0.22 12.60 25.77
CA ALA A 182 0.80 12.17 24.50
C ALA A 182 0.28 13.00 23.34
N VAL A 183 -1.04 13.25 23.29
CA VAL A 183 -1.62 14.01 22.19
C VAL A 183 -1.02 15.41 22.17
N ALA A 184 -0.85 16.03 23.33
CA ALA A 184 -0.28 17.37 23.35
C ALA A 184 1.17 17.37 22.88
N GLU A 185 1.97 16.39 23.35
CA GLU A 185 3.35 16.28 22.91
C GLU A 185 3.44 16.07 21.40
N ILE A 186 2.50 15.31 20.83
CA ILE A 186 2.50 15.04 19.40
C ILE A 186 2.20 16.30 18.61
N ARG A 187 1.16 17.02 19.04
CA ARG A 187 0.74 18.22 18.32
C ARG A 187 1.76 19.34 18.43
N ARG A 188 2.60 19.33 19.47
CA ARG A 188 3.78 20.21 19.57
C ARG A 188 4.91 19.77 18.65
N GLY A 189 4.86 18.55 18.10
CA GLY A 189 5.83 18.11 17.12
C GLY A 189 6.96 17.27 17.68
N GLU A 190 6.81 16.70 18.86
CA GLU A 190 7.89 15.93 19.46
C GLU A 190 8.01 14.53 18.85
N TYR A 191 6.95 14.01 18.27
CA TYR A 191 6.97 12.69 17.68
C TYR A 191 5.59 12.52 17.08
N VAL A 192 5.36 11.42 16.38
CA VAL A 192 4.19 11.24 15.53
C VAL A 192 3.20 10.25 16.12
N LYS A 193 3.68 9.18 16.74
CA LYS A 193 2.83 8.13 17.30
C LYS A 193 3.57 7.55 18.49
N VAL A 194 2.81 7.20 19.52
CA VAL A 194 3.34 6.49 20.67
C VAL A 194 2.25 5.56 21.20
N ILE A 195 2.65 4.40 21.66
CA ILE A 195 1.71 3.50 22.33
C ILE A 195 1.81 3.78 23.82
N VAL A 196 0.70 4.22 24.39
CA VAL A 196 0.55 4.42 25.82
C VAL A 196 -0.27 3.26 26.34
N SER A 197 0.24 2.59 27.35
CA SER A 197 -0.34 1.36 27.84
C SER A 197 -0.68 1.47 29.32
N ARG A 198 -1.51 0.55 29.81
CA ARG A 198 -1.92 0.52 31.20
C ARG A 198 -1.90 -0.91 31.69
N ALA A 199 -1.33 -1.10 32.89
CA ALA A 199 -1.36 -2.33 33.66
C ALA A 199 -2.56 -2.35 34.60
N ILE A 200 -3.24 -3.49 34.63
CA ILE A 200 -4.34 -3.82 35.54
C ILE A 200 -3.81 -4.84 36.54
N PRO A 201 -3.56 -4.46 37.79
CA PRO A 201 -3.15 -5.46 38.79
C PRO A 201 -4.28 -6.44 39.08
N LEU A 202 -3.90 -7.77 39.23
CA LEU A 202 -4.90 -8.80 39.45
C LEU A 202 -4.95 -9.19 40.92
N PRO A 203 -6.13 -9.54 41.44
CA PRO A 203 -6.26 -9.75 42.89
C PRO A 203 -5.58 -11.00 43.40
N SER A 204 -5.64 -12.09 42.65
CA SER A 204 -5.01 -13.34 43.05
C SER A 204 -4.17 -13.90 41.90
N ARG A 205 -3.37 -14.90 42.21
CA ARG A 205 -2.52 -15.50 41.19
C ARG A 205 -3.37 -16.36 40.25
N ILE A 206 -2.77 -16.72 39.11
CA ILE A 206 -3.50 -17.25 37.97
C ILE A 206 -3.03 -18.66 37.69
N ASP A 207 -3.99 -19.54 37.47
CA ASP A 207 -3.72 -20.90 36.98
C ASP A 207 -3.34 -20.85 35.49
N MET A 208 -2.06 -21.10 35.20
CA MET A 208 -1.59 -20.91 33.83
C MET A 208 -2.19 -21.89 32.83
N PRO A 209 -2.19 -23.20 33.07
CA PRO A 209 -2.71 -24.11 32.04
C PRO A 209 -4.21 -23.96 31.79
N ALA A 210 -4.99 -23.69 32.82
CA ALA A 210 -6.42 -23.52 32.59
C ALA A 210 -6.67 -22.26 31.78
N THR A 211 -6.00 -21.17 32.14
CA THR A 211 -6.10 -19.94 31.36
C THR A 211 -5.66 -20.17 29.93
N LEU A 212 -4.59 -20.92 29.74
CA LEU A 212 -4.17 -21.20 28.39
C LEU A 212 -5.28 -21.87 27.59
N LEU A 213 -5.93 -22.86 28.21
CA LEU A 213 -6.94 -23.67 27.53
C LEU A 213 -8.16 -22.83 27.20
N TYR A 214 -8.73 -22.22 28.22
CA TYR A 214 -9.93 -21.43 28.05
C TYR A 214 -9.63 -20.18 27.23
N GLY A 215 -8.45 -19.57 27.43
CA GLY A 215 -8.15 -18.32 26.75
C GLY A 215 -7.96 -18.52 25.27
N ARG A 216 -7.31 -19.61 24.90
CA ARG A 216 -7.06 -19.91 23.49
C ARG A 216 -8.34 -20.20 22.71
N GLN A 217 -9.32 -20.85 23.32
CA GLN A 217 -10.49 -21.21 22.51
C GLN A 217 -11.26 -19.96 22.11
N ALA A 218 -11.07 -18.87 22.85
CA ALA A 218 -11.72 -17.57 22.64
C ALA A 218 -10.91 -16.60 21.76
N ASN A 219 -9.80 -17.02 21.18
CA ASN A 219 -8.89 -16.15 20.42
C ASN A 219 -8.49 -16.87 19.15
N THR A 220 -8.02 -16.10 18.16
CA THR A 220 -7.35 -16.65 16.97
C THR A 220 -6.06 -15.87 16.77
N PRO A 221 -5.03 -16.20 17.54
CA PRO A 221 -3.76 -15.46 17.47
C PRO A 221 -2.86 -15.97 16.35
N VAL A 222 -1.84 -15.17 16.01
CA VAL A 222 -0.87 -15.75 15.09
C VAL A 222 0.08 -16.69 15.83
N ARG A 223 0.32 -16.48 17.12
CA ARG A 223 1.06 -17.41 17.98
C ARG A 223 0.44 -17.39 19.37
N SER A 224 0.61 -18.49 20.10
CA SER A 224 0.32 -18.52 21.52
C SER A 224 1.59 -18.92 22.27
N PHE A 225 1.69 -18.53 23.53
CA PHE A 225 2.90 -18.88 24.26
C PHE A 225 2.53 -18.96 25.73
N MET A 226 3.34 -19.73 26.44
CA MET A 226 3.35 -19.74 27.90
C MET A 226 4.76 -20.15 28.29
N PHE A 227 5.38 -19.41 29.19
CA PHE A 227 6.75 -19.70 29.60
C PHE A 227 6.79 -19.61 31.12
N ARG A 228 7.49 -20.52 31.79
CA ARG A 228 7.80 -20.39 33.21
C ARG A 228 9.31 -20.49 33.43
N GLN A 229 9.88 -19.59 34.22
CA GLN A 229 11.33 -19.48 34.33
C GLN A 229 11.74 -18.59 35.50
N GLU A 230 12.60 -19.12 36.38
CA GLU A 230 13.19 -18.36 37.48
C GLU A 230 12.13 -17.57 38.24
N GLY A 231 11.02 -18.22 38.52
CA GLY A 231 9.96 -17.59 39.28
C GLY A 231 9.04 -16.68 38.51
N ARG A 232 9.15 -16.61 37.19
CA ARG A 232 8.34 -15.70 36.39
C ARG A 232 7.52 -16.50 35.38
N GLU A 233 6.31 -16.02 35.14
CA GLU A 233 5.41 -16.67 34.22
C GLU A 233 4.71 -15.63 33.36
N ALA A 234 4.49 -16.00 32.11
CA ALA A 234 3.68 -15.19 31.22
C ALA A 234 2.98 -16.11 30.24
N LEU A 235 1.79 -15.71 29.84
CA LEU A 235 1.08 -16.45 28.82
C LEU A 235 0.34 -15.44 27.95
N GLY A 236 0.21 -15.75 26.67
CA GLY A 236 -0.68 -14.90 25.91
C GLY A 236 -0.90 -15.33 24.49
N PHE A 237 -1.73 -14.54 23.83
CA PHE A 237 -2.22 -14.85 22.50
C PHE A 237 -1.78 -13.70 21.58
N SER A 238 -0.63 -13.91 20.93
CA SER A 238 0.04 -12.82 20.22
C SER A 238 -0.72 -12.49 18.94
N PRO A 239 -1.07 -11.22 18.72
CA PRO A 239 -1.82 -10.88 17.49
C PRO A 239 -0.95 -10.66 16.27
N GLU A 240 0.38 -10.62 16.38
CA GLU A 240 1.20 -10.36 15.20
C GLU A 240 2.65 -10.76 15.43
N LEU A 241 3.33 -10.99 14.31
CA LEU A 241 4.76 -11.22 14.30
C LEU A 241 5.53 -9.92 14.30
N VAL A 242 6.47 -9.80 15.21
CA VAL A 242 7.51 -8.80 15.08
C VAL A 242 8.30 -9.08 13.82
N MET A 243 8.59 -10.35 13.58
CA MET A 243 9.57 -10.74 12.57
C MET A 243 9.51 -12.25 12.35
N SER A 244 9.72 -12.65 11.09
CA SER A 244 10.00 -14.03 10.74
C SER A 244 11.07 -14.04 9.65
N VAL A 245 12.09 -14.87 9.82
CA VAL A 245 13.13 -15.02 8.82
C VAL A 245 13.22 -16.48 8.44
N THR A 246 13.15 -16.74 7.14
CA THR A 246 13.41 -18.06 6.56
C THR A 246 14.45 -17.91 5.48
N GLY A 247 15.56 -18.61 5.64
CA GLY A 247 16.75 -18.37 4.87
C GLY A 247 17.03 -16.88 4.83
N ASN A 248 16.93 -16.33 3.64
CA ASN A 248 17.25 -14.94 3.44
C ASN A 248 16.04 -14.00 3.44
N LYS A 249 14.83 -14.53 3.52
CA LYS A 249 13.64 -13.70 3.43
C LYS A 249 13.17 -13.27 4.82
N VAL A 250 12.96 -11.97 5.01
CA VAL A 250 12.48 -11.42 6.27
C VAL A 250 11.10 -10.82 6.05
N VAL A 251 10.20 -11.07 7.01
CA VAL A 251 8.79 -10.70 6.95
C VAL A 251 8.49 -10.02 8.28
N THR A 252 7.67 -8.98 8.25
CA THR A 252 7.13 -8.35 9.45
C THR A 252 5.68 -8.03 9.16
N GLU A 253 4.90 -7.91 10.19
CA GLU A 253 3.45 -7.96 10.03
C GLU A 253 2.79 -6.92 10.93
N PRO A 254 3.00 -5.64 10.64
CA PRO A 254 2.42 -4.59 11.50
C PRO A 254 0.90 -4.62 11.48
N LEU A 255 0.32 -4.59 12.67
CA LEU A 255 -1.11 -4.41 12.86
C LEU A 255 -1.30 -3.10 13.59
N ALA A 256 -2.25 -2.29 13.12
CA ALA A 256 -2.50 -0.98 13.67
C ALA A 256 -3.88 -0.50 13.22
N GLY A 257 -4.70 -0.04 14.16
CA GLY A 257 -6.06 0.31 13.84
C GLY A 257 -6.97 -0.79 14.34
N THR A 258 -7.95 -0.44 15.16
CA THR A 258 -8.70 -1.40 15.92
C THR A 258 -10.18 -1.03 15.99
N ARG A 259 -11.02 -2.05 15.86
CA ARG A 259 -12.41 -2.02 16.33
C ARG A 259 -12.72 -3.28 17.12
N ASP A 260 -13.80 -3.24 17.89
CA ASP A 260 -14.23 -4.48 18.56
C ASP A 260 -14.80 -5.44 17.54
N ARG A 261 -14.73 -6.71 17.88
CA ARG A 261 -15.63 -7.69 17.32
C ARG A 261 -16.39 -8.37 18.46
N MET A 262 -16.95 -7.56 19.37
CA MET A 262 -17.58 -8.04 20.61
C MET A 262 -19.12 -8.08 20.57
N GLY A 263 -19.73 -8.05 19.39
CA GLY A 263 -21.19 -8.12 19.28
C GLY A 263 -21.67 -9.30 18.44
N ASN A 264 -22.92 -9.25 17.96
CA ASN A 264 -23.37 -10.31 17.08
C ASN A 264 -22.62 -10.14 15.75
N PRO A 265 -22.79 -11.06 14.80
CA PRO A 265 -22.04 -10.93 13.52
C PRO A 265 -22.37 -9.67 12.72
N GLU A 266 -23.62 -9.21 12.75
CA GLU A 266 -23.99 -7.95 12.10
C GLU A 266 -23.23 -6.76 12.68
N HIS A 267 -23.08 -6.71 14.00
CA HIS A 267 -22.33 -5.65 14.62
C HIS A 267 -20.86 -5.74 14.24
N ASN A 268 -20.33 -6.96 14.19
CA ASN A 268 -18.92 -7.18 13.91
C ASN A 268 -18.58 -6.71 12.51
N LYS A 269 -19.32 -7.21 11.50
CA LYS A 269 -19.03 -6.81 10.11
C LYS A 269 -19.36 -5.36 9.90
N ALA A 270 -20.29 -4.81 10.66
CA ALA A 270 -20.44 -3.36 10.65
C ALA A 270 -19.17 -2.71 11.18
N LYS A 271 -18.58 -3.25 12.24
CA LYS A 271 -17.34 -2.70 12.75
C LYS A 271 -16.19 -2.94 11.77
N GLU A 272 -16.15 -4.07 11.10
CA GLU A 272 -15.13 -4.30 10.09
C GLU A 272 -15.15 -3.19 9.02
N ALA A 273 -16.33 -2.96 8.39
CA ALA A 273 -16.46 -1.90 7.40
C ALA A 273 -16.07 -0.55 7.98
N GLU A 274 -16.55 -0.27 9.18
CA GLU A 274 -16.24 0.99 9.83
C GLU A 274 -14.72 1.17 9.92
N LEU A 275 -14.00 0.10 10.25
CA LEU A 275 -12.55 0.18 10.45
C LEU A 275 -11.84 0.45 9.13
N LEU A 276 -12.21 -0.29 8.09
CA LEU A 276 -11.63 -0.10 6.77
C LEU A 276 -11.85 1.31 6.21
N HIS A 277 -12.78 2.09 6.75
CA HIS A 277 -13.10 3.40 6.20
C HIS A 277 -12.90 4.54 7.20
N ASP A 278 -12.32 4.27 8.34
CA ASP A 278 -12.09 5.31 9.34
C ASP A 278 -10.75 5.95 9.07
N SER A 279 -10.74 7.26 8.76
CA SER A 279 -9.52 7.86 8.24
C SER A 279 -8.43 7.88 9.31
N LYS A 280 -8.82 8.02 10.59
CA LYS A 280 -7.87 7.98 11.70
C LYS A 280 -7.18 6.62 11.78
N GLU A 281 -7.95 5.52 11.67
CA GLU A 281 -7.35 4.19 11.77
C GLU A 281 -6.52 3.89 10.52
N VAL A 282 -6.99 4.30 9.34
CA VAL A 282 -6.23 4.07 8.13
C VAL A 282 -4.93 4.83 8.21
N LEU A 283 -4.99 6.09 8.65
CA LEU A 283 -3.80 6.91 8.74
C LEU A 283 -2.83 6.31 9.73
N GLU A 284 -3.29 5.98 10.94
CA GLU A 284 -2.44 5.27 11.90
C GLU A 284 -1.83 4.03 11.26
N HIS A 285 -2.60 3.31 10.47
CA HIS A 285 -2.09 2.07 9.92
C HIS A 285 -0.96 2.33 8.92
N ILE A 286 -1.19 3.24 7.98
CA ILE A 286 -0.24 3.46 6.89
C ILE A 286 1.04 4.10 7.41
N LEU A 287 0.94 4.98 8.40
CA LEU A 287 2.14 5.53 9.02
C LEU A 287 3.01 4.42 9.62
N SER A 288 2.37 3.41 10.21
CA SER A 288 3.13 2.30 10.77
C SER A 288 3.71 1.43 9.67
N VAL A 289 2.94 1.14 8.61
CA VAL A 289 3.44 0.30 7.54
C VAL A 289 4.65 0.97 6.87
N LYS A 290 4.57 2.29 6.64
CA LYS A 290 5.69 2.97 6.00
C LYS A 290 6.93 2.96 6.89
N GLU A 291 6.77 2.99 8.23
CA GLU A 291 7.94 2.84 9.09
C GLU A 291 8.48 1.43 9.08
N ALA A 292 7.60 0.42 8.99
CA ALA A 292 8.07 -0.97 8.84
C ALA A 292 8.90 -1.12 7.57
N ILE A 293 8.47 -0.46 6.49
CA ILE A 293 9.20 -0.52 5.21
C ILE A 293 10.60 0.08 5.38
N ALA A 294 10.67 1.28 5.90
CA ALA A 294 11.97 1.91 6.14
C ALA A 294 12.86 1.02 6.98
N GLU A 295 12.32 0.47 8.07
CA GLU A 295 13.11 -0.41 8.92
C GLU A 295 13.71 -1.56 8.13
N LEU A 296 12.89 -2.23 7.32
CA LEU A 296 13.40 -3.35 6.54
C LEU A 296 14.42 -2.88 5.51
N GLU A 297 14.18 -1.74 4.85
CA GLU A 297 15.15 -1.24 3.88
C GLU A 297 16.52 -1.02 4.53
N ALA A 298 16.57 -0.81 5.85
CA ALA A 298 17.85 -0.70 6.54
C ALA A 298 18.68 -1.97 6.51
N VAL A 299 18.09 -3.14 6.24
CA VAL A 299 18.78 -4.41 6.38
C VAL A 299 18.64 -5.31 5.16
N CYS A 300 17.94 -4.87 4.13
CA CYS A 300 17.54 -5.69 3.00
C CYS A 300 18.20 -5.17 1.72
N LEU A 301 18.24 -6.02 0.72
CA LEU A 301 18.76 -5.61 -0.57
C LEU A 301 17.90 -4.48 -1.15
N PRO A 302 18.50 -3.44 -1.74
CA PRO A 302 17.69 -2.37 -2.35
C PRO A 302 16.71 -2.93 -3.38
N GLY A 303 15.50 -2.36 -3.40
CA GLY A 303 14.41 -2.83 -4.24
C GLY A 303 13.74 -4.13 -3.85
N SER A 304 14.15 -4.80 -2.76
CA SER A 304 13.51 -6.07 -2.40
C SER A 304 12.34 -5.90 -1.42
N VAL A 305 12.17 -4.72 -0.82
CA VAL A 305 11.16 -4.54 0.22
C VAL A 305 9.82 -4.22 -0.42
N VAL A 306 8.82 -5.07 -0.19
CA VAL A 306 7.54 -4.93 -0.85
C VAL A 306 6.45 -5.21 0.17
N VAL A 307 5.26 -4.68 -0.07
CA VAL A 307 4.12 -5.00 0.76
C VAL A 307 3.37 -6.10 0.05
N GLU A 308 3.31 -7.27 0.67
CA GLU A 308 2.64 -8.42 0.08
C GLU A 308 1.18 -8.46 0.39
N ASP A 309 0.77 -7.90 1.53
CA ASP A 309 -0.64 -7.75 1.84
C ASP A 309 -0.85 -6.38 2.47
N LEU A 310 -1.75 -5.60 1.88
CA LEU A 310 -1.90 -4.20 2.22
C LEU A 310 -3.22 -4.02 2.97
N MET A 311 -3.11 -3.76 4.27
CA MET A 311 -4.22 -3.28 5.09
C MET A 311 -5.50 -4.10 4.93
N SER A 312 -5.40 -5.39 5.24
CA SER A 312 -6.55 -6.29 5.39
C SER A 312 -6.97 -6.42 6.86
N VAL A 313 -8.22 -6.83 7.08
CA VAL A 313 -8.71 -6.98 8.46
C VAL A 313 -8.29 -8.35 8.99
N ARG A 314 -7.81 -8.35 10.23
CA ARG A 314 -7.35 -9.54 10.94
C ARG A 314 -8.18 -9.65 12.22
N GLN A 315 -8.82 -10.81 12.40
CA GLN A 315 -9.68 -11.11 13.54
C GLN A 315 -8.85 -11.63 14.71
N ARG A 316 -9.01 -11.02 15.88
CA ARG A 316 -8.17 -11.34 17.03
C ARG A 316 -8.99 -11.37 18.33
N GLY A 317 -9.85 -12.39 18.45
CA GLY A 317 -10.66 -12.58 19.63
C GLY A 317 -11.65 -11.48 19.90
N SER A 318 -11.31 -10.59 20.83
CA SER A 318 -12.20 -9.48 21.19
C SER A 318 -12.09 -8.28 20.24
N VAL A 319 -11.12 -8.27 19.34
CA VAL A 319 -10.85 -7.11 18.49
C VAL A 319 -10.48 -7.57 17.09
N GLN A 320 -10.54 -6.63 16.17
CA GLN A 320 -10.08 -6.86 14.81
C GLN A 320 -9.28 -5.64 14.37
N HIS A 321 -8.26 -5.89 13.55
CA HIS A 321 -7.17 -4.96 13.31
C HIS A 321 -6.92 -4.85 11.82
N LEU A 322 -6.54 -3.64 11.39
CA LEU A 322 -5.87 -3.48 10.10
C LEU A 322 -4.46 -4.08 10.19
N GLY A 323 -4.14 -4.95 9.23
CA GLY A 323 -2.85 -5.61 9.14
C GLY A 323 -2.25 -5.61 7.75
N SER A 324 -0.95 -5.39 7.67
CA SER A 324 -0.19 -5.54 6.45
C SER A 324 0.97 -6.51 6.65
N GLY A 325 1.42 -7.08 5.56
CA GLY A 325 2.62 -7.89 5.54
C GLY A 325 3.68 -7.29 4.64
N VAL A 326 4.86 -7.06 5.19
CA VAL A 326 5.98 -6.45 4.49
C VAL A 326 7.11 -7.47 4.48
N SER A 327 7.77 -7.64 3.34
CA SER A 327 8.85 -8.59 3.25
C SER A 327 10.01 -8.00 2.47
N GLY A 328 11.18 -8.63 2.65
CA GLY A 328 12.37 -8.22 1.92
C GLY A 328 13.43 -9.30 1.97
N GLN A 329 14.51 -9.04 1.24
CA GLN A 329 15.68 -9.93 1.20
C GLN A 329 16.80 -9.32 2.01
N LEU A 330 17.29 -10.07 2.99
CA LEU A 330 18.40 -9.58 3.80
C LEU A 330 19.62 -9.34 2.94
N ALA A 331 20.27 -8.18 3.14
CA ALA A 331 21.52 -7.90 2.46
C ALA A 331 22.55 -8.93 2.88
N GLU A 332 23.68 -8.94 2.15
CA GLU A 332 24.72 -9.95 2.40
C GLU A 332 25.39 -9.77 3.77
N ASN A 333 25.50 -8.54 4.27
CA ASN A 333 26.22 -8.26 5.50
C ASN A 333 25.30 -8.14 6.71
N LYS A 334 24.09 -8.67 6.62
CA LYS A 334 23.08 -8.53 7.66
C LYS A 334 22.52 -9.90 7.99
N ASP A 335 22.33 -10.22 9.29
CA ASP A 335 21.66 -11.46 9.68
C ASP A 335 20.33 -11.17 10.39
N ALA A 336 19.67 -12.25 10.83
CA ALA A 336 18.35 -12.14 11.43
C ALA A 336 18.37 -11.34 12.72
N TRP A 337 19.50 -11.35 13.47
CA TRP A 337 19.61 -10.54 14.67
C TRP A 337 19.71 -9.06 14.33
N ASP A 338 20.35 -8.72 13.21
CA ASP A 338 20.37 -7.33 12.77
C ASP A 338 18.95 -6.88 12.45
N ALA A 339 18.22 -7.73 11.74
CA ALA A 339 16.84 -7.41 11.38
C ALA A 339 15.98 -7.25 12.62
N PHE A 340 16.12 -8.17 13.58
CA PHE A 340 15.36 -8.08 14.83
C PHE A 340 15.70 -6.83 15.61
N THR A 341 16.97 -6.43 15.62
CA THR A 341 17.34 -5.22 16.35
C THR A 341 16.68 -3.99 15.73
N VAL A 342 16.58 -3.95 14.40
CA VAL A 342 15.90 -2.86 13.73
C VAL A 342 14.39 -2.95 13.96
N LEU A 343 13.81 -4.14 13.84
CA LEU A 343 12.37 -4.30 13.91
C LEU A 343 11.81 -4.25 15.31
N PHE A 344 12.65 -4.45 16.34
CA PHE A 344 12.19 -4.51 17.71
C PHE A 344 12.25 -3.14 18.40
N PRO A 345 11.22 -2.78 19.16
CA PRO A 345 9.95 -3.48 19.31
C PRO A 345 9.11 -3.15 18.11
N SER A 346 8.05 -3.91 17.86
CA SER A 346 7.15 -3.53 16.80
C SER A 346 6.85 -2.05 16.93
N ILE A 347 6.92 -1.37 15.79
CA ILE A 347 6.36 -0.03 15.67
C ILE A 347 4.97 -0.01 16.29
N THR A 348 4.22 -1.05 16.07
CA THR A 348 2.83 -0.93 16.52
C THR A 348 2.68 -1.10 18.03
N ALA A 349 3.79 -1.38 18.74
CA ALA A 349 3.86 -1.39 20.20
C ALA A 349 4.70 -0.27 20.81
N SER A 350 5.38 0.54 20.01
CA SER A 350 6.26 1.57 20.55
C SER A 350 5.89 2.92 19.95
N GLY A 351 6.32 3.20 18.72
CA GLY A 351 5.88 4.42 18.07
C GLY A 351 6.80 4.89 16.94
N ILE A 352 6.51 6.13 16.52
CA ILE A 352 7.07 6.78 15.35
C ILE A 352 7.42 8.24 15.70
N PRO A 353 8.68 8.65 15.48
CA PRO A 353 9.84 7.79 15.21
C PRO A 353 10.16 7.01 16.46
N LYS A 354 10.75 5.85 16.24
CA LYS A 354 10.79 4.83 17.28
C LYS A 354 11.55 5.32 18.51
N ASN A 355 12.72 5.95 18.34
CA ASN A 355 13.52 6.28 19.51
C ASN A 355 12.83 7.33 20.39
N ALA A 356 12.28 8.37 19.76
CA ALA A 356 11.54 9.38 20.50
C ALA A 356 10.32 8.77 21.19
N ALA A 357 9.64 7.81 20.54
CA ALA A 357 8.50 7.15 21.16
C ALA A 357 8.92 6.35 22.38
N LEU A 358 10.06 5.67 22.31
CA LEU A 358 10.56 4.93 23.45
C LEU A 358 10.87 5.85 24.61
N ASN A 359 11.42 7.03 24.31
CA ASN A 359 11.66 7.97 25.38
C ASN A 359 10.37 8.47 26.00
N ALA A 360 9.37 8.74 25.16
CA ALA A 360 8.08 9.19 25.68
C ALA A 360 7.45 8.13 26.57
N ILE A 361 7.56 6.85 26.18
CA ILE A 361 6.97 5.78 26.95
C ILE A 361 7.57 5.74 28.35
N MET A 362 8.89 5.91 28.45
CA MET A 362 9.52 5.86 29.76
C MET A 362 9.20 7.09 30.59
N GLN A 363 8.88 8.21 29.95
CA GLN A 363 8.49 9.37 30.74
C GLN A 363 7.06 9.26 31.22
N ILE A 364 6.19 8.64 30.41
CA ILE A 364 4.74 8.67 30.64
C ILE A 364 4.29 7.52 31.53
N GLU A 365 4.72 6.32 31.23
CA GLU A 365 4.27 5.17 32.00
C GLU A 365 5.04 5.08 33.30
N LYS A 366 4.37 4.58 34.33
CA LYS A 366 4.91 4.63 35.69
C LYS A 366 5.18 3.25 36.26
N THR A 367 4.87 2.20 35.53
CA THR A 367 5.25 0.83 35.86
C THR A 367 6.08 0.24 34.73
N PRO A 368 7.06 -0.59 35.03
CA PRO A 368 7.87 -1.18 33.94
C PRO A 368 7.06 -2.15 33.10
N ARG A 369 7.21 -2.06 31.78
CA ARG A 369 6.49 -2.96 30.89
C ARG A 369 6.93 -4.41 31.06
N GLU A 370 8.19 -4.59 31.46
CA GLU A 370 8.81 -5.90 31.54
C GLU A 370 8.73 -6.62 30.19
N LEU A 371 7.97 -7.70 30.12
CA LEU A 371 7.86 -8.43 28.85
C LEU A 371 6.76 -7.87 27.94
N TYR A 372 5.78 -7.15 28.49
CA TYR A 372 4.76 -6.53 27.65
C TYR A 372 5.39 -5.65 26.57
N SER A 373 4.89 -5.85 25.34
CA SER A 373 5.34 -5.23 24.10
C SER A 373 6.69 -5.77 23.69
N GLY A 374 7.15 -6.79 24.36
CA GLY A 374 8.37 -7.48 23.96
C GLY A 374 8.10 -8.55 22.94
N ALA A 375 8.93 -9.58 22.95
CA ALA A 375 8.84 -10.64 21.95
C ALA A 375 9.04 -12.00 22.58
N ILE A 376 8.40 -12.99 21.97
CA ILE A 376 8.69 -14.38 22.24
C ILE A 376 9.35 -14.92 20.98
N LEU A 377 10.41 -15.68 21.15
CA LEU A 377 11.19 -16.20 20.06
C LEU A 377 11.10 -17.72 20.02
N LEU A 378 10.99 -18.25 18.82
CA LEU A 378 11.36 -19.64 18.56
C LEU A 378 12.30 -19.69 17.39
N LEU A 379 13.45 -20.32 17.60
CA LEU A 379 14.51 -20.39 16.62
C LEU A 379 14.88 -21.85 16.39
N ASP A 380 14.96 -22.25 15.13
CA ASP A 380 15.20 -23.65 14.81
C ASP A 380 15.91 -23.71 13.46
N ASP A 381 15.88 -24.89 12.83
CA ASP A 381 16.62 -25.08 11.58
C ASP A 381 16.07 -24.19 10.47
N THR A 382 14.76 -24.19 10.28
CA THR A 382 14.16 -23.48 9.16
C THR A 382 14.00 -21.97 9.38
N ARG A 383 14.02 -21.47 10.63
CA ARG A 383 13.35 -20.20 10.84
C ARG A 383 13.77 -19.49 12.12
N PHE A 384 13.76 -18.13 12.04
CA PHE A 384 13.76 -17.20 13.18
C PHE A 384 12.37 -16.55 13.31
N ASP A 385 11.69 -16.85 14.39
CA ASP A 385 10.30 -16.50 14.55
C ASP A 385 10.13 -15.67 15.81
N ALA A 386 9.50 -14.51 15.69
CA ALA A 386 9.39 -13.55 16.80
C ALA A 386 7.98 -12.99 16.91
N ALA A 387 7.28 -13.38 17.95
CA ALA A 387 5.90 -12.96 18.20
C ALA A 387 5.86 -11.80 19.18
N LEU A 388 5.03 -10.82 18.87
CA LEU A 388 4.77 -9.68 19.75
C LEU A 388 3.96 -10.08 21.01
N VAL A 389 4.41 -9.56 22.15
CA VAL A 389 3.80 -9.88 23.45
C VAL A 389 2.77 -8.80 23.73
N LEU A 390 1.54 -9.10 23.33
CA LEU A 390 0.33 -8.35 23.67
C LEU A 390 -0.76 -9.37 24.03
N ARG A 391 -1.87 -8.91 24.58
CA ARG A 391 -2.96 -9.82 24.92
C ARG A 391 -2.44 -10.95 25.81
N SER A 392 -1.78 -10.57 26.89
CA SER A 392 -0.93 -11.48 27.65
C SER A 392 -1.11 -11.16 29.12
N VAL A 393 -0.79 -12.14 29.97
CA VAL A 393 -0.85 -11.97 31.41
C VAL A 393 0.53 -12.31 31.96
N PHE A 394 0.92 -11.65 33.04
CA PHE A 394 2.26 -11.85 33.60
C PHE A 394 2.11 -12.00 35.09
N GLN A 395 2.96 -12.84 35.69
CA GLN A 395 3.10 -12.82 37.14
C GLN A 395 4.50 -13.24 37.56
N ASP A 396 4.95 -12.63 38.64
CA ASP A 396 6.20 -12.98 39.29
C ASP A 396 5.98 -12.95 40.81
N SER A 397 7.07 -12.82 41.58
CA SER A 397 6.96 -12.90 43.04
C SER A 397 6.28 -11.67 43.63
N GLN A 398 6.37 -10.50 42.98
CA GLN A 398 5.79 -9.27 43.50
C GLN A 398 4.54 -8.75 42.78
N ARG A 399 4.23 -9.21 41.57
CA ARG A 399 3.19 -8.58 40.76
C ARG A 399 2.42 -9.66 39.99
N CYS A 400 1.18 -9.33 39.66
CA CYS A 400 0.36 -10.20 38.83
C CYS A 400 -0.55 -9.31 38.00
N TRP A 401 -0.41 -9.28 36.67
CA TRP A 401 -1.09 -8.21 35.93
C TRP A 401 -1.30 -8.58 34.47
N ILE A 402 -2.26 -7.86 33.86
CA ILE A 402 -2.48 -7.88 32.43
C ILE A 402 -2.25 -6.45 31.94
N GLN A 403 -2.02 -6.32 30.66
CA GLN A 403 -1.60 -5.02 30.16
C GLN A 403 -2.11 -4.79 28.75
N ALA A 404 -2.55 -3.56 28.46
CA ALA A 404 -2.95 -3.24 27.10
C ALA A 404 -2.64 -1.79 26.80
N GLY A 405 -2.44 -1.48 25.50
CA GLY A 405 -2.21 -0.12 25.07
C GLY A 405 -3.00 0.28 23.84
N ALA A 406 -2.89 1.56 23.53
CA ALA A 406 -3.49 2.13 22.34
C ALA A 406 -2.45 3.01 21.64
N GLY A 407 -2.51 3.00 20.31
CA GLY A 407 -1.66 3.83 19.47
C GLY A 407 -2.22 5.23 19.39
N ILE A 408 -1.51 6.17 19.99
CA ILE A 408 -1.93 7.55 20.04
C ILE A 408 -1.26 8.29 18.88
N ILE A 409 -2.07 8.95 18.05
CA ILE A 409 -1.61 9.92 17.06
C ILE A 409 -2.26 11.28 17.32
N ALA A 410 -1.98 12.27 16.47
CA ALA A 410 -2.51 13.61 16.68
C ALA A 410 -4.03 13.63 16.72
N GLN A 411 -4.68 12.76 15.94
CA GLN A 411 -6.13 12.72 15.85
C GLN A 411 -6.78 11.96 17.01
N SER A 412 -6.02 11.45 17.96
CA SER A 412 -6.58 10.51 18.92
C SER A 412 -7.51 11.22 19.91
N THR A 413 -8.50 10.47 20.42
CA THR A 413 -9.35 10.94 21.52
C THR A 413 -9.13 10.11 22.78
N PRO A 414 -8.80 10.71 23.94
CA PRO A 414 -8.55 9.88 25.15
C PRO A 414 -9.65 8.87 25.48
N GLU A 415 -10.92 9.30 25.52
CA GLU A 415 -12.01 8.36 25.82
C GLU A 415 -11.99 7.17 24.88
N ARG A 416 -11.81 7.43 23.59
CA ARG A 416 -11.80 6.34 22.63
C ARG A 416 -10.64 5.37 22.89
N GLU A 417 -9.46 5.90 23.19
CA GLU A 417 -8.29 5.05 23.43
C GLU A 417 -8.44 4.23 24.71
N LEU A 418 -8.99 4.84 25.77
CA LEU A 418 -9.37 4.05 26.94
C LEU A 418 -10.27 2.87 26.54
N THR A 419 -11.37 3.17 25.85
CA THR A 419 -12.25 2.09 25.43
C THR A 419 -11.50 1.04 24.63
N GLU A 420 -10.60 1.49 23.73
CA GLU A 420 -9.85 0.54 22.95
C GLU A 420 -9.02 -0.39 23.82
N THR A 421 -8.36 0.14 24.87
CA THR A 421 -7.60 -0.74 25.77
C THR A 421 -8.52 -1.78 26.41
N ARG A 422 -9.72 -1.36 26.82
CA ARG A 422 -10.67 -2.31 27.39
C ARG A 422 -11.14 -3.33 26.36
N GLU A 423 -11.30 -2.93 25.10
CA GLU A 423 -11.56 -3.94 24.05
C GLU A 423 -10.41 -4.94 23.91
N LYS A 424 -9.16 -4.48 24.00
CA LYS A 424 -8.04 -5.41 23.91
C LYS A 424 -7.93 -6.28 25.16
N LEU A 425 -8.19 -5.70 26.32
CA LEU A 425 -8.09 -6.49 27.55
C LEU A 425 -9.12 -7.59 27.57
N ALA A 426 -10.27 -7.39 26.91
CA ALA A 426 -11.31 -8.41 26.87
C ALA A 426 -10.88 -9.62 26.06
N SER A 427 -9.72 -9.55 25.41
CA SER A 427 -9.13 -10.73 24.80
C SER A 427 -8.57 -11.72 25.82
N ILE A 428 -8.21 -11.27 27.02
CA ILE A 428 -7.56 -12.15 27.98
C ILE A 428 -8.28 -12.11 29.32
N ALA A 429 -8.73 -10.93 29.76
CA ALA A 429 -9.25 -10.80 31.11
C ALA A 429 -10.39 -11.77 31.39
N PRO A 430 -11.41 -11.88 30.54
CA PRO A 430 -12.50 -12.83 30.81
C PRO A 430 -12.06 -14.26 31.04
N TYR A 431 -10.83 -14.64 30.68
CA TYR A 431 -10.44 -16.05 30.71
C TYR A 431 -9.30 -16.32 31.69
N LEU A 432 -9.04 -15.43 32.63
CA LEU A 432 -8.01 -15.66 33.64
C LEU A 432 -8.54 -16.64 34.68
N MET A 433 -7.99 -17.84 34.71
CA MET A 433 -8.50 -18.88 35.59
C MET A 433 -7.68 -18.92 36.88
N VAL A 434 -8.36 -19.17 37.99
CA VAL A 434 -7.75 -19.13 39.31
C VAL A 434 -7.51 -20.51 39.89
N LYS B 2 9.10 -1.14 -44.28
CA LYS B 2 9.18 0.31 -44.46
C LYS B 2 10.58 0.83 -44.83
N ILE B 3 10.62 2.00 -45.44
CA ILE B 3 11.85 2.70 -45.77
C ILE B 3 12.21 3.66 -44.63
N SER B 4 13.47 3.65 -44.21
CA SER B 4 13.88 4.33 -42.98
C SER B 4 15.17 5.11 -43.18
N GLU B 5 15.30 6.20 -42.43
CA GLU B 5 16.49 7.03 -42.43
C GLU B 5 16.72 7.52 -41.00
N PHE B 6 17.99 7.70 -40.66
CA PHE B 6 18.43 8.12 -39.35
C PHE B 6 19.24 9.40 -39.48
N LEU B 7 19.03 10.37 -38.57
CA LEU B 7 19.70 11.67 -38.60
C LEU B 7 20.18 12.08 -37.21
N HIS B 8 21.46 12.45 -37.08
CA HIS B 8 21.96 13.29 -35.98
C HIS B 8 21.70 14.76 -36.30
N LEU B 9 21.23 15.54 -35.31
CA LEU B 9 20.97 16.98 -35.56
C LEU B 9 21.89 17.93 -34.79
N PRO B 12 21.09 20.23 -29.60
CA PRO B 12 21.03 21.11 -28.40
C PRO B 12 19.71 20.96 -27.62
N GLU B 13 19.80 20.46 -26.39
CA GLU B 13 18.65 20.22 -25.50
C GLU B 13 17.51 21.21 -25.67
N GLU B 14 17.77 22.50 -25.55
CA GLU B 14 16.66 23.45 -25.53
C GLU B 14 15.95 23.58 -26.87
N GLN B 15 16.46 22.95 -27.91
CA GLN B 15 15.85 22.96 -29.23
C GLN B 15 15.01 21.72 -29.52
N TRP B 16 15.14 20.68 -28.72
CA TRP B 16 14.55 19.39 -29.06
C TRP B 16 13.04 19.49 -29.12
N LEU B 17 12.42 19.87 -28.02
CA LEU B 17 10.99 20.04 -28.00
C LEU B 17 10.48 21.07 -29.00
N PRO B 18 11.09 22.24 -29.16
CA PRO B 18 10.60 23.12 -30.23
C PRO B 18 10.66 22.45 -31.60
N THR B 19 11.62 21.58 -31.82
CA THR B 19 11.72 20.93 -33.11
C THR B 19 10.59 19.93 -33.31
N ILE B 20 10.28 19.15 -32.29
CA ILE B 20 9.16 18.23 -32.38
C ILE B 20 7.87 19.00 -32.63
N SER B 21 7.71 20.16 -31.97
CA SER B 21 6.51 20.96 -32.19
C SER B 21 6.45 21.44 -33.63
N GLY B 22 7.59 21.81 -34.19
CA GLY B 22 7.61 22.35 -35.54
C GLY B 22 7.34 21.28 -36.58
N VAL B 23 7.81 20.06 -36.34
CA VAL B 23 7.40 18.94 -37.18
C VAL B 23 5.89 18.76 -37.10
N LEU B 24 5.33 18.69 -35.90
CA LEU B 24 3.90 18.44 -35.79
C LEU B 24 3.10 19.49 -36.55
N ARG B 25 3.52 20.74 -36.45
CA ARG B 25 2.92 21.80 -37.26
C ARG B 25 2.95 21.47 -38.74
N GLN B 26 4.08 20.93 -39.24
CA GLN B 26 4.13 20.56 -40.65
C GLN B 26 3.18 19.42 -40.97
N PHE B 27 2.69 18.67 -39.99
CA PHE B 27 1.65 17.71 -40.29
C PHE B 27 0.33 18.40 -40.65
N ALA B 28 0.23 19.70 -40.40
CA ALA B 28 -0.96 20.46 -40.72
C ALA B 28 -2.20 19.79 -40.13
N GLU B 29 -3.13 19.33 -40.99
CA GLU B 29 -4.37 18.72 -40.53
C GLU B 29 -4.46 17.24 -40.87
N GLU B 30 -3.33 16.63 -41.19
CA GLU B 30 -3.30 15.19 -41.35
C GLU B 30 -3.56 14.52 -40.00
N GLU B 31 -4.22 13.36 -40.05
CA GLU B 31 -4.27 12.50 -38.88
C GLU B 31 -2.86 12.26 -38.36
N CYS B 32 -2.71 12.29 -37.06
CA CYS B 32 -1.40 12.08 -36.49
C CYS B 32 -1.57 11.68 -35.03
N TYR B 33 -0.47 11.20 -34.48
CA TYR B 33 -0.37 10.67 -33.13
C TYR B 33 0.98 11.07 -32.57
N VAL B 34 0.98 11.42 -31.31
CA VAL B 34 2.19 11.79 -30.60
C VAL B 34 2.11 11.15 -29.22
N TYR B 35 3.19 10.51 -28.81
CA TYR B 35 3.31 9.90 -27.48
C TYR B 35 4.74 10.11 -26.99
N GLU B 36 4.88 10.74 -25.83
CA GLU B 36 6.17 10.88 -25.17
C GLU B 36 6.31 9.81 -24.09
N ARG B 37 7.33 8.97 -24.21
CA ARG B 37 7.74 8.01 -23.19
C ARG B 37 9.24 8.15 -23.16
N GLN B 38 9.73 8.96 -22.23
CA GLN B 38 11.12 9.38 -22.19
C GLN B 38 11.92 8.09 -22.17
N PRO B 39 13.01 8.04 -22.95
CA PRO B 39 13.66 9.14 -23.66
C PRO B 39 13.14 9.45 -25.09
N CYS B 40 12.02 8.90 -25.53
CA CYS B 40 11.56 9.05 -26.91
C CYS B 40 10.25 9.82 -27.03
N TRP B 41 10.15 10.60 -28.11
CA TRP B 41 8.89 11.08 -28.63
C TRP B 41 8.57 10.29 -29.87
N TYR B 42 7.43 9.64 -29.86
CA TYR B 42 6.95 8.89 -31.02
C TYR B 42 5.89 9.68 -31.73
N LEU B 43 6.10 9.92 -33.02
CA LEU B 43 5.16 10.62 -33.88
C LEU B 43 4.76 9.74 -35.03
N GLY B 44 3.46 9.56 -35.18
CA GLY B 44 2.89 8.79 -36.29
C GLY B 44 2.06 9.73 -37.14
N LYS B 45 2.08 9.52 -38.45
CA LYS B 45 1.29 10.27 -39.40
C LYS B 45 0.48 9.36 -40.33
N GLY B 46 -0.76 9.73 -40.56
CA GLY B 46 -1.59 8.97 -41.42
C GLY B 46 -2.09 7.71 -40.74
N CYS B 47 -2.61 6.83 -41.58
CA CYS B 47 -3.33 5.65 -41.10
C CYS B 47 -3.09 4.53 -42.09
N GLN B 48 -2.27 3.56 -41.72
CA GLN B 48 -2.11 2.37 -42.55
C GLN B 48 -3.18 1.30 -42.23
N ALA B 49 -3.51 1.12 -40.96
CA ALA B 49 -4.57 0.19 -40.54
C ALA B 49 -5.12 0.66 -39.20
N ARG B 50 -6.40 0.43 -38.98
CA ARG B 50 -7.08 0.93 -37.80
C ARG B 50 -8.19 -0.03 -37.40
N LEU B 51 -8.33 -0.24 -36.10
CA LEU B 51 -9.54 -0.81 -35.51
C LEU B 51 -10.33 0.32 -34.88
N HIS B 52 -11.63 0.33 -35.14
CA HIS B 52 -12.54 1.37 -34.69
C HIS B 52 -13.79 0.73 -34.07
N ILE B 53 -14.09 1.11 -32.83
CA ILE B 53 -15.26 0.66 -32.08
C ILE B 53 -16.10 1.91 -31.88
N ASN B 54 -17.33 1.89 -32.39
CA ASN B 54 -18.13 3.11 -32.37
C ASN B 54 -18.56 3.48 -30.93
N ALA B 55 -19.23 4.62 -30.80
CA ALA B 55 -19.42 5.23 -29.49
C ALA B 55 -20.21 4.34 -28.52
N ASP B 56 -21.09 3.47 -29.02
CA ASP B 56 -21.97 2.71 -28.15
C ASP B 56 -21.58 1.24 -28.04
N GLY B 57 -20.47 0.85 -28.63
CA GLY B 57 -20.01 -0.51 -28.44
C GLY B 57 -20.67 -1.56 -29.32
N THR B 58 -21.48 -1.16 -30.30
CA THR B 58 -22.20 -2.11 -31.14
C THR B 58 -21.59 -2.33 -32.52
N GLN B 59 -20.49 -1.67 -32.88
CA GLN B 59 -19.91 -1.82 -34.21
C GLN B 59 -18.40 -1.69 -34.15
N ALA B 60 -17.74 -2.76 -34.59
CA ALA B 60 -16.29 -2.82 -34.74
C ALA B 60 -15.94 -2.82 -36.22
N THR B 61 -15.00 -1.96 -36.61
CA THR B 61 -14.59 -1.83 -38.00
C THR B 61 -13.07 -1.85 -38.12
N PHE B 62 -12.57 -2.82 -38.86
CA PHE B 62 -11.17 -2.89 -39.27
C PHE B 62 -11.03 -2.24 -40.64
N ILE B 63 -10.00 -1.41 -40.79
CA ILE B 63 -9.80 -0.64 -42.00
C ILE B 63 -8.33 -0.78 -42.40
N ASP B 64 -8.09 -1.12 -43.66
CA ASP B 64 -6.73 -1.13 -44.24
C ASP B 64 -6.84 -0.90 -45.75
N ASP B 65 -5.74 -1.12 -46.48
CA ASP B 65 -5.80 -0.81 -47.89
C ASP B 65 -6.70 -1.77 -48.67
N ALA B 66 -7.19 -2.85 -48.05
CA ALA B 66 -8.18 -3.69 -48.71
C ALA B 66 -9.62 -3.20 -48.54
N GLY B 67 -9.84 -2.12 -47.77
CA GLY B 67 -11.16 -1.56 -47.52
C GLY B 67 -11.60 -1.71 -46.08
N GLU B 68 -12.91 -1.57 -45.86
CA GLU B 68 -13.46 -1.73 -44.51
C GLU B 68 -14.05 -3.12 -44.32
N GLN B 69 -13.80 -3.70 -43.14
CA GLN B 69 -14.35 -4.98 -42.71
C GLN B 69 -15.14 -4.77 -41.44
N LYS B 70 -16.32 -5.37 -41.32
CA LYS B 70 -17.00 -5.39 -40.03
C LYS B 70 -16.58 -6.66 -39.29
N TRP B 71 -16.47 -6.53 -37.98
CA TRP B 71 -16.01 -7.60 -37.10
C TRP B 71 -17.02 -7.76 -35.99
N ALA B 72 -17.13 -8.97 -35.47
CA ALA B 72 -18.05 -9.21 -34.37
C ALA B 72 -17.59 -8.41 -33.16
N VAL B 73 -18.46 -7.54 -32.64
CA VAL B 73 -18.07 -6.65 -31.55
C VAL B 73 -18.13 -7.32 -30.18
N ASP B 74 -18.78 -8.48 -30.06
CA ASP B 74 -18.94 -9.21 -28.81
C ASP B 74 -17.82 -8.98 -27.81
N SER B 75 -16.59 -9.35 -28.17
CA SER B 75 -15.41 -9.12 -27.32
C SER B 75 -14.52 -8.05 -27.97
N ILE B 76 -14.59 -6.82 -27.43
CA ILE B 76 -13.67 -5.76 -27.85
C ILE B 76 -12.24 -6.22 -27.62
N ALA B 77 -12.01 -6.99 -26.57
CA ALA B 77 -10.66 -7.49 -26.33
C ALA B 77 -10.23 -8.48 -27.41
N ASP B 78 -11.14 -9.34 -27.88
CA ASP B 78 -10.76 -10.23 -28.98
C ASP B 78 -10.58 -9.44 -30.28
N CYS B 79 -11.42 -8.44 -30.53
CA CYS B 79 -11.17 -7.53 -31.66
C CYS B 79 -9.77 -6.94 -31.59
N ALA B 80 -9.35 -6.50 -30.38
CA ALA B 80 -8.03 -5.92 -30.20
C ALA B 80 -6.94 -6.94 -30.46
N ARG B 81 -7.11 -8.17 -29.97
CA ARG B 81 -6.09 -9.19 -30.20
C ARG B 81 -5.98 -9.55 -31.69
N ARG B 82 -7.10 -9.67 -32.37
CA ARG B 82 -7.05 -9.93 -33.81
C ARG B 82 -6.31 -8.82 -34.54
N PHE B 83 -6.64 -7.56 -34.25
CA PHE B 83 -5.92 -6.47 -34.86
C PHE B 83 -4.43 -6.55 -34.58
N MET B 84 -4.04 -6.85 -33.32
CA MET B 84 -2.61 -6.90 -33.00
C MET B 84 -1.89 -8.01 -33.74
N ALA B 85 -2.62 -9.10 -34.06
CA ALA B 85 -2.04 -10.24 -34.76
C ALA B 85 -2.04 -10.10 -36.28
N HIS B 86 -2.92 -9.26 -36.84
CA HIS B 86 -3.04 -9.04 -38.28
C HIS B 86 -1.68 -8.75 -38.92
N PRO B 87 -1.43 -9.18 -40.16
CA PRO B 87 -0.10 -8.94 -40.76
C PRO B 87 0.17 -7.50 -41.14
N GLN B 88 -0.87 -6.70 -41.35
CA GLN B 88 -0.66 -5.26 -41.48
C GLN B 88 -0.09 -4.64 -40.21
N VAL B 89 -0.08 -5.35 -39.07
CA VAL B 89 0.19 -4.78 -37.76
C VAL B 89 1.40 -5.41 -37.08
N LYS B 90 1.52 -6.74 -37.12
CA LYS B 90 2.64 -7.46 -36.52
C LYS B 90 3.95 -6.70 -36.74
N GLY B 91 4.65 -6.36 -35.66
CA GLY B 91 5.92 -5.67 -35.76
C GLY B 91 5.87 -4.13 -35.75
N ARG B 92 4.72 -3.52 -35.59
CA ARG B 92 4.59 -2.08 -35.66
C ARG B 92 4.17 -1.50 -34.30
N ARG B 93 4.65 -0.31 -33.98
CA ARG B 93 4.03 0.48 -32.92
C ARG B 93 2.57 0.76 -33.28
N VAL B 94 1.68 0.47 -32.34
CA VAL B 94 0.26 0.77 -32.43
C VAL B 94 -0.07 1.89 -31.47
N TYR B 95 -0.78 2.89 -31.97
CA TYR B 95 -1.23 4.06 -31.21
C TYR B 95 -2.71 3.87 -30.93
N GLY B 96 -3.10 4.00 -29.68
CA GLY B 96 -4.47 3.70 -29.29
C GLY B 96 -5.07 4.75 -28.36
N GLN B 97 -6.39 4.81 -28.40
CA GLN B 97 -7.20 5.67 -27.56
C GLN B 97 -8.41 4.89 -27.08
N VAL B 98 -8.78 5.09 -25.81
CA VAL B 98 -9.93 4.42 -25.20
C VAL B 98 -10.78 5.45 -24.49
N GLY B 99 -12.06 5.52 -24.84
CA GLY B 99 -12.95 6.45 -24.21
C GLY B 99 -13.34 6.04 -22.80
N PHE B 100 -13.75 7.03 -22.01
CA PHE B 100 -14.20 6.75 -20.64
C PHE B 100 -15.22 5.62 -20.61
N ASN B 101 -16.20 5.67 -21.52
CA ASN B 101 -17.31 4.70 -21.54
C ASN B 101 -16.85 3.29 -21.76
N PHE B 102 -15.57 3.08 -22.11
CA PHE B 102 -15.08 1.72 -22.17
C PHE B 102 -15.24 1.04 -20.83
N ALA B 103 -15.21 1.82 -19.74
CA ALA B 103 -15.28 1.22 -18.41
C ALA B 103 -16.65 0.60 -18.16
N ALA B 104 -17.72 1.36 -18.43
CA ALA B 104 -19.08 0.83 -18.31
C ALA B 104 -19.26 -0.41 -19.18
N HIS B 105 -18.80 -0.35 -20.44
CA HIS B 105 -19.05 -1.47 -21.34
C HIS B 105 -18.37 -2.73 -20.84
N ALA B 106 -17.11 -2.64 -20.40
CA ALA B 106 -16.40 -3.81 -19.89
C ALA B 106 -17.03 -4.34 -18.60
N ARG B 107 -17.61 -3.47 -17.80
CA ARG B 107 -18.38 -3.87 -16.63
C ARG B 107 -19.82 -4.21 -17.00
N GLY B 108 -20.15 -4.21 -18.29
CA GLY B 108 -21.45 -4.68 -18.73
C GLY B 108 -22.64 -3.91 -18.18
N ILE B 109 -22.46 -2.63 -17.87
CA ILE B 109 -23.57 -1.81 -17.40
C ILE B 109 -23.90 -0.81 -18.50
N ALA B 110 -25.11 -0.29 -18.43
CA ALA B 110 -25.58 0.57 -19.50
C ALA B 110 -24.93 1.94 -19.37
N PHE B 111 -24.91 2.67 -20.48
CA PHE B 111 -24.27 3.98 -20.44
C PHE B 111 -24.81 4.87 -21.53
N ASN B 112 -24.66 6.17 -21.32
CA ASN B 112 -25.11 7.17 -22.28
C ASN B 112 -23.97 7.43 -23.26
N ALA B 113 -24.18 7.07 -24.52
CA ALA B 113 -23.12 7.11 -25.51
C ALA B 113 -22.79 8.54 -25.88
N GLY B 114 -21.50 8.84 -25.98
CA GLY B 114 -21.06 10.11 -26.49
C GLY B 114 -20.94 10.04 -28.00
N GLU B 115 -20.19 11.01 -28.55
CA GLU B 115 -19.89 11.12 -29.98
C GLU B 115 -18.53 10.55 -30.35
N TRP B 116 -17.63 10.30 -29.35
CA TRP B 116 -16.31 9.81 -29.72
C TRP B 116 -16.32 8.29 -29.73
N PRO B 117 -15.42 7.67 -30.51
CA PRO B 117 -15.31 6.21 -30.49
C PRO B 117 -15.02 5.70 -29.09
N LEU B 118 -15.57 4.54 -28.77
CA LEU B 118 -15.14 3.86 -27.56
C LEU B 118 -13.66 3.49 -27.61
N LEU B 119 -13.19 2.99 -28.73
CA LEU B 119 -11.80 2.58 -28.81
C LEU B 119 -11.33 2.68 -30.24
N THR B 120 -10.12 3.17 -30.45
CA THR B 120 -9.47 3.13 -31.74
C THR B 120 -8.04 2.69 -31.53
N LEU B 121 -7.58 1.83 -32.44
CA LEU B 121 -6.18 1.47 -32.55
C LEU B 121 -5.69 1.79 -33.96
N THR B 122 -4.50 2.38 -34.08
CA THR B 122 -4.03 2.75 -35.41
C THR B 122 -2.57 2.41 -35.61
N VAL B 123 -2.26 1.80 -36.75
CA VAL B 123 -0.90 1.74 -37.25
C VAL B 123 -0.72 2.92 -38.21
N PRO B 124 0.24 3.81 -37.98
CA PRO B 124 0.39 4.96 -38.87
C PRO B 124 1.12 4.60 -40.15
N ARG B 125 0.95 5.47 -41.14
CA ARG B 125 1.63 5.23 -42.41
C ARG B 125 3.09 5.66 -42.34
N GLU B 126 3.39 6.70 -41.57
CA GLU B 126 4.74 7.21 -41.39
C GLU B 126 4.98 7.45 -39.91
N GLU B 127 6.25 7.53 -39.52
CA GLU B 127 6.61 7.60 -38.12
C GLU B 127 7.92 8.36 -38.02
N LEU B 128 8.03 9.19 -37.01
CA LEU B 128 9.26 9.83 -36.60
C LEU B 128 9.50 9.55 -35.13
N ILE B 129 10.70 9.11 -34.80
CA ILE B 129 11.06 8.82 -33.42
C ILE B 129 12.26 9.68 -33.07
N PHE B 130 12.04 10.60 -32.15
CA PHE B 130 13.09 11.48 -31.62
C PHE B 130 13.61 10.91 -30.30
N GLU B 131 14.94 10.87 -30.16
CA GLU B 131 15.61 10.43 -28.95
C GLU B 131 17.00 11.06 -28.95
N LYS B 132 17.30 11.93 -27.97
CA LYS B 132 18.65 12.43 -27.70
C LYS B 132 19.15 13.44 -28.72
N GLY B 133 18.25 14.15 -29.41
CA GLY B 133 18.66 14.97 -30.52
C GLY B 133 18.88 14.24 -31.83
N ASN B 134 18.62 12.94 -31.87
CA ASN B 134 18.50 12.22 -33.13
C ASN B 134 17.05 11.90 -33.47
N VAL B 135 16.82 11.55 -34.73
CA VAL B 135 15.51 11.14 -35.21
C VAL B 135 15.67 10.00 -36.22
N THR B 136 14.82 8.98 -36.08
CA THR B 136 14.59 7.95 -37.07
C THR B 136 13.27 8.22 -37.78
N VAL B 137 13.24 8.14 -39.10
CA VAL B 137 12.00 8.29 -39.85
C VAL B 137 11.67 7.01 -40.58
N TYR B 138 10.38 6.68 -40.62
CA TYR B 138 9.84 5.61 -41.46
C TYR B 138 8.75 6.17 -42.37
N ALA B 139 8.73 5.64 -43.59
CA ALA B 139 7.92 6.15 -44.68
C ALA B 139 7.83 5.09 -45.76
N ASP B 140 6.91 5.29 -46.71
CA ASP B 140 6.64 4.27 -47.72
C ASP B 140 7.50 4.41 -48.97
N SER B 141 8.29 5.48 -49.08
CA SER B 141 9.20 5.67 -50.21
C SER B 141 10.44 6.38 -49.70
N ALA B 142 11.49 6.42 -50.53
CA ALA B 142 12.56 7.37 -50.25
C ALA B 142 12.03 8.79 -50.34
N ASP B 143 10.91 8.97 -51.06
CA ASP B 143 10.26 10.27 -51.13
C ASP B 143 9.71 10.69 -49.77
N GLY B 144 9.06 9.75 -49.07
CA GLY B 144 8.53 10.03 -47.76
C GLY B 144 9.62 10.44 -46.78
N CYS B 145 10.65 9.59 -46.63
CA CYS B 145 11.75 9.92 -45.71
C CYS B 145 12.37 11.25 -46.06
N ARG B 146 12.57 11.50 -47.36
CA ARG B 146 13.11 12.76 -47.85
C ARG B 146 12.32 13.95 -47.32
N ARG B 147 10.99 13.91 -47.48
CA ARG B 147 10.15 15.02 -47.05
C ARG B 147 10.18 15.17 -45.53
N LEU B 148 10.04 14.06 -44.81
CA LEU B 148 10.06 14.10 -43.35
C LEU B 148 11.39 14.60 -42.81
N CYS B 149 12.50 14.29 -43.50
CA CYS B 149 13.81 14.79 -43.07
C CYS B 149 13.90 16.30 -43.23
N GLU B 150 13.33 16.86 -44.29
CA GLU B 150 13.36 18.31 -44.46
C GLU B 150 12.53 19.02 -43.40
N TRP B 151 11.29 18.56 -43.17
CA TRP B 151 10.49 19.12 -42.07
C TRP B 151 11.30 19.20 -40.78
N VAL B 152 12.15 18.21 -40.53
CA VAL B 152 12.92 18.16 -39.27
C VAL B 152 13.98 19.25 -39.16
N LYS B 153 14.18 20.06 -40.20
CA LYS B 153 15.16 21.16 -40.17
C LYS B 153 14.73 22.33 -41.09
N ASN B 161 2.08 33.28 -31.51
CA ASN B 161 1.13 32.56 -30.63
C ASN B 161 0.67 33.36 -29.41
N ALA B 162 -0.61 33.22 -29.07
CA ALA B 162 -1.13 33.90 -27.90
C ALA B 162 -1.89 32.91 -27.02
N PRO B 163 -1.81 33.06 -25.70
CA PRO B 163 -2.53 32.14 -24.82
C PRO B 163 -3.98 32.54 -24.65
N LEU B 164 -4.84 31.54 -24.61
CA LEU B 164 -6.20 31.76 -24.16
C LEU B 164 -6.15 32.28 -22.73
N ALA B 165 -7.25 32.85 -22.29
CA ALA B 165 -7.41 33.31 -20.91
C ALA B 165 -8.58 32.53 -20.33
N VAL B 166 -8.32 31.55 -19.48
CA VAL B 166 -9.34 30.61 -19.04
C VAL B 166 -9.63 30.86 -17.57
N ASP B 167 -10.86 31.29 -17.27
CA ASP B 167 -11.30 31.56 -15.89
C ASP B 167 -11.80 30.23 -15.34
N THR B 168 -11.00 29.57 -14.50
CA THR B 168 -11.40 28.27 -13.99
C THR B 168 -12.23 28.37 -12.72
N ALA B 169 -12.51 29.59 -12.25
CA ALA B 169 -13.53 29.79 -11.23
C ALA B 169 -14.93 29.78 -11.81
N LEU B 170 -15.06 29.86 -13.12
CA LEU B 170 -16.37 30.10 -13.70
C LEU B 170 -17.24 28.85 -13.63
N ASN B 171 -18.47 29.02 -13.17
CA ASN B 171 -19.40 27.93 -12.91
C ASN B 171 -18.98 27.06 -11.74
N GLY B 172 -18.11 27.58 -10.86
CA GLY B 172 -17.75 26.82 -9.67
C GLY B 172 -18.94 26.39 -8.86
N GLU B 173 -20.00 27.20 -8.84
CA GLU B 173 -21.09 27.00 -7.90
C GLU B 173 -21.86 25.73 -8.24
N ALA B 174 -22.17 25.52 -9.51
CA ALA B 174 -22.89 24.32 -9.89
C ALA B 174 -22.05 23.08 -9.61
N TYR B 175 -20.73 23.19 -9.74
CA TYR B 175 -19.88 22.07 -9.39
C TYR B 175 -19.92 21.79 -7.89
N LYS B 176 -19.77 22.83 -7.05
CA LYS B 176 -19.90 22.65 -5.61
C LYS B 176 -21.19 21.90 -5.29
N GLN B 177 -22.24 22.22 -6.01
CA GLN B 177 -23.52 21.54 -5.83
C GLN B 177 -23.43 20.08 -6.21
N GLN B 178 -22.78 19.78 -7.33
CA GLN B 178 -22.61 18.38 -7.71
C GLN B 178 -21.80 17.64 -6.66
N VAL B 179 -20.74 18.27 -6.13
CA VAL B 179 -19.97 17.62 -5.08
C VAL B 179 -20.82 17.43 -3.83
N ALA B 180 -21.61 18.43 -3.47
CA ALA B 180 -22.44 18.31 -2.27
C ALA B 180 -23.46 17.20 -2.45
N ARG B 181 -23.98 17.03 -3.66
CA ARG B 181 -24.84 15.88 -3.93
C ARG B 181 -24.10 14.58 -3.69
N ALA B 182 -22.91 14.44 -4.30
CA ALA B 182 -22.14 13.20 -4.19
C ALA B 182 -21.82 12.90 -2.73
N VAL B 183 -21.32 13.88 -2.01
CA VAL B 183 -21.10 13.72 -0.57
C VAL B 183 -22.38 13.24 0.11
N ALA B 184 -23.52 13.82 -0.26
CA ALA B 184 -24.77 13.45 0.38
C ALA B 184 -25.09 12.00 0.09
N GLU B 185 -24.86 11.55 -1.15
CA GLU B 185 -25.17 10.17 -1.49
C GLU B 185 -24.20 9.19 -0.85
N ILE B 186 -22.95 9.61 -0.63
CA ILE B 186 -22.03 8.72 0.06
C ILE B 186 -22.48 8.49 1.49
N ARG B 187 -22.95 9.56 2.16
CA ARG B 187 -23.43 9.43 3.54
C ARG B 187 -24.71 8.61 3.63
N ARG B 188 -25.54 8.64 2.59
CA ARG B 188 -26.68 7.73 2.53
C ARG B 188 -26.29 6.30 2.20
N GLY B 189 -25.01 6.05 1.89
CA GLY B 189 -24.50 4.70 1.65
C GLY B 189 -24.57 4.19 0.22
N GLU B 190 -24.79 5.07 -0.75
CA GLU B 190 -24.94 4.56 -2.11
C GLU B 190 -23.61 4.09 -2.71
N TYR B 191 -22.49 4.64 -2.26
CA TYR B 191 -21.15 4.25 -2.70
C TYR B 191 -20.14 4.97 -1.79
N VAL B 192 -18.87 4.58 -1.92
CA VAL B 192 -17.80 5.07 -1.03
C VAL B 192 -17.07 6.27 -1.62
N LYS B 193 -16.81 6.22 -2.93
CA LYS B 193 -15.96 7.23 -3.57
C LYS B 193 -16.48 7.43 -4.96
N VAL B 194 -16.50 8.68 -5.42
CA VAL B 194 -16.78 8.96 -6.84
C VAL B 194 -15.97 10.18 -7.27
N ILE B 195 -15.42 10.13 -8.48
CA ILE B 195 -14.77 11.31 -9.06
C ILE B 195 -15.84 12.08 -9.80
N VAL B 196 -16.02 13.32 -9.40
CA VAL B 196 -16.93 14.25 -10.05
C VAL B 196 -16.09 15.25 -10.81
N SER B 197 -16.37 15.43 -12.09
CA SER B 197 -15.56 16.26 -12.96
C SER B 197 -16.40 17.40 -13.51
N ARG B 198 -15.72 18.45 -13.91
CA ARG B 198 -16.32 19.53 -14.68
C ARG B 198 -15.55 19.79 -15.97
N ALA B 199 -16.34 19.94 -17.03
CA ALA B 199 -15.88 20.39 -18.33
C ALA B 199 -15.91 21.91 -18.41
N ILE B 200 -14.80 22.51 -18.86
CA ILE B 200 -14.74 23.95 -19.07
C ILE B 200 -14.73 24.27 -20.57
N PRO B 201 -15.84 24.72 -21.15
CA PRO B 201 -15.84 25.12 -22.56
C PRO B 201 -14.83 26.21 -22.82
N LEU B 202 -14.28 26.19 -24.01
CA LEU B 202 -13.28 27.19 -24.32
C LEU B 202 -13.80 28.14 -25.42
N PRO B 203 -13.30 29.37 -25.49
CA PRO B 203 -13.74 30.29 -26.55
C PRO B 203 -13.35 29.88 -27.95
N SER B 204 -12.11 29.43 -28.16
CA SER B 204 -11.69 29.03 -29.50
C SER B 204 -11.04 27.66 -29.52
N ARG B 205 -10.85 27.18 -30.75
CA ARG B 205 -9.98 26.05 -31.01
C ARG B 205 -8.56 26.43 -30.62
N ILE B 206 -7.79 25.44 -30.22
CA ILE B 206 -6.44 25.70 -29.75
C ILE B 206 -5.45 25.23 -30.82
N ASP B 207 -4.27 25.84 -30.79
CA ASP B 207 -3.12 25.44 -31.58
C ASP B 207 -2.34 24.32 -30.88
N MET B 208 -2.50 23.10 -31.37
CA MET B 208 -1.88 21.94 -30.72
C MET B 208 -0.36 21.99 -30.66
N PRO B 209 0.37 22.22 -31.75
CA PRO B 209 1.83 22.21 -31.60
C PRO B 209 2.32 23.20 -30.58
N ALA B 210 1.76 24.42 -30.55
CA ALA B 210 2.24 25.41 -29.58
C ALA B 210 1.81 25.05 -28.17
N THR B 211 0.56 24.61 -28.01
CA THR B 211 0.12 24.13 -26.71
C THR B 211 0.99 22.99 -26.21
N LEU B 212 1.37 22.07 -27.11
CA LEU B 212 2.24 20.98 -26.69
C LEU B 212 3.57 21.51 -26.20
N LEU B 213 4.10 22.54 -26.86
CA LEU B 213 5.38 23.08 -26.44
C LEU B 213 5.29 23.75 -25.07
N TYR B 214 4.42 24.72 -24.91
CA TYR B 214 4.44 25.48 -23.66
C TYR B 214 3.89 24.66 -22.51
N GLY B 215 2.89 23.83 -22.80
CA GLY B 215 2.35 22.96 -21.78
C GLY B 215 3.36 21.93 -21.31
N ARG B 216 4.11 21.33 -22.24
CA ARG B 216 5.04 20.30 -21.79
C ARG B 216 6.15 20.90 -20.93
N GLN B 217 6.61 22.12 -21.24
CA GLN B 217 7.72 22.59 -20.42
C GLN B 217 7.25 23.11 -19.06
N ALA B 218 5.97 23.28 -18.81
CA ALA B 218 5.46 23.56 -17.47
C ALA B 218 5.05 22.32 -16.68
N ASN B 219 5.34 21.11 -17.18
CA ASN B 219 4.78 19.90 -16.56
C ASN B 219 5.88 18.85 -16.41
N THR B 220 5.59 17.84 -15.61
CA THR B 220 6.44 16.64 -15.52
C THR B 220 5.52 15.42 -15.55
N PRO B 221 4.98 15.10 -16.72
CA PRO B 221 4.00 14.00 -16.79
C PRO B 221 4.65 12.63 -16.86
N VAL B 222 3.86 11.58 -16.64
CA VAL B 222 4.41 10.25 -16.92
C VAL B 222 4.46 10.00 -18.41
N ARG B 223 3.44 10.48 -19.14
CA ARG B 223 3.40 10.48 -20.59
C ARG B 223 2.76 11.79 -21.05
N SER B 224 3.15 12.23 -22.24
CA SER B 224 2.47 13.26 -23.01
C SER B 224 1.87 12.66 -24.28
N PHE B 225 0.78 13.26 -24.75
CA PHE B 225 0.19 12.79 -25.97
C PHE B 225 -0.50 13.92 -26.70
N MET B 226 -0.67 13.68 -27.98
CA MET B 226 -1.56 14.44 -28.82
C MET B 226 -2.03 13.49 -29.92
N PHE B 227 -3.26 13.68 -30.39
CA PHE B 227 -3.69 12.97 -31.59
C PHE B 227 -4.73 13.80 -32.33
N ARG B 228 -4.85 13.51 -33.64
CA ARG B 228 -5.89 14.03 -34.52
C ARG B 228 -6.39 12.88 -35.38
N GLN B 229 -7.68 12.61 -35.30
CA GLN B 229 -8.30 11.47 -35.99
C GLN B 229 -9.76 11.81 -36.27
N GLU B 230 -10.16 11.71 -37.55
CA GLU B 230 -11.53 11.84 -38.01
C GLU B 230 -12.19 13.07 -37.38
N GLY B 231 -11.48 14.18 -37.41
CA GLY B 231 -12.03 15.43 -36.93
C GLY B 231 -12.02 15.64 -35.43
N ARG B 232 -11.44 14.74 -34.66
CA ARG B 232 -11.29 14.87 -33.22
C ARG B 232 -9.83 14.97 -32.85
N GLU B 233 -9.58 15.75 -31.80
CA GLU B 233 -8.23 16.09 -31.39
C GLU B 233 -8.18 16.17 -29.88
N ALA B 234 -7.10 15.66 -29.31
CA ALA B 234 -6.84 15.81 -27.90
C ALA B 234 -5.34 15.94 -27.68
N LEU B 235 -5.00 16.50 -26.53
CA LEU B 235 -3.61 16.69 -26.14
C LEU B 235 -3.55 16.76 -24.62
N GLY B 236 -2.48 16.23 -24.03
CA GLY B 236 -2.40 16.34 -22.59
C GLY B 236 -1.14 15.76 -22.01
N PHE B 237 -1.03 15.92 -20.69
CA PHE B 237 0.15 15.60 -19.89
C PHE B 237 -0.33 14.64 -18.80
N SER B 238 -0.32 13.36 -19.15
CA SER B 238 -0.89 12.33 -18.27
C SER B 238 -0.10 12.26 -16.97
N PRO B 239 -0.76 12.37 -15.82
CA PRO B 239 -0.08 12.18 -14.54
C PRO B 239 0.06 10.73 -14.12
N GLU B 240 -0.65 9.80 -14.76
CA GLU B 240 -0.79 8.46 -14.19
C GLU B 240 -0.75 7.40 -15.27
N LEU B 241 0.11 6.41 -15.07
CA LEU B 241 0.08 5.17 -15.82
C LEU B 241 -1.10 4.28 -15.40
N VAL B 242 -2.01 3.98 -16.32
CA VAL B 242 -2.97 2.90 -16.04
C VAL B 242 -2.23 1.57 -15.88
N MET B 243 -1.36 1.24 -16.86
CA MET B 243 -0.56 0.03 -16.76
C MET B 243 0.59 0.07 -17.74
N SER B 244 1.65 -0.63 -17.37
CA SER B 244 2.68 -1.09 -18.28
C SER B 244 2.81 -2.60 -18.12
N VAL B 245 2.84 -3.31 -19.24
CA VAL B 245 3.05 -4.74 -19.28
C VAL B 245 4.21 -4.97 -20.21
N THR B 246 5.33 -5.49 -19.67
CA THR B 246 6.46 -5.94 -20.48
C THR B 246 6.58 -7.44 -20.34
N GLY B 247 6.36 -8.14 -21.46
CA GLY B 247 6.22 -9.59 -21.42
C GLY B 247 5.24 -10.01 -20.35
N ASN B 248 5.80 -10.55 -19.27
CA ASN B 248 5.03 -11.11 -18.19
C ASN B 248 4.66 -10.11 -17.10
N LYS B 249 5.50 -9.12 -16.82
CA LYS B 249 5.30 -8.27 -15.67
C LYS B 249 4.30 -7.17 -16.00
N VAL B 250 3.31 -7.04 -15.15
CA VAL B 250 2.37 -5.92 -15.19
C VAL B 250 2.69 -5.01 -14.01
N VAL B 251 2.80 -3.71 -14.32
CA VAL B 251 2.93 -2.65 -13.34
C VAL B 251 1.78 -1.66 -13.53
N THR B 252 1.35 -1.08 -12.42
CA THR B 252 0.31 -0.07 -12.40
C THR B 252 0.67 0.91 -11.29
N GLU B 253 0.37 2.18 -11.47
CA GLU B 253 0.84 3.21 -10.55
C GLU B 253 -0.30 4.15 -10.22
N PRO B 254 -1.23 3.72 -9.38
CA PRO B 254 -2.34 4.61 -9.02
C PRO B 254 -1.87 5.85 -8.28
N LEU B 255 -2.42 7.00 -8.69
CA LEU B 255 -2.28 8.27 -8.00
C LEU B 255 -3.65 8.67 -7.49
N ALA B 256 -3.74 9.15 -6.26
CA ALA B 256 -4.97 9.71 -5.70
C ALA B 256 -4.58 10.43 -4.43
N GLY B 257 -5.20 11.60 -4.22
CA GLY B 257 -4.82 12.48 -3.14
C GLY B 257 -3.97 13.62 -3.70
N THR B 258 -4.34 14.88 -3.45
CA THR B 258 -3.72 16.04 -4.12
C THR B 258 -3.52 17.23 -3.18
N ARG B 259 -2.37 17.87 -3.35
CA ARG B 259 -2.12 19.24 -2.93
C ARG B 259 -1.48 20.00 -4.11
N ASP B 260 -1.67 21.32 -4.14
CA ASP B 260 -0.93 22.11 -5.14
C ASP B 260 0.57 22.03 -4.91
N ARG B 261 1.31 22.31 -5.98
CA ARG B 261 2.72 22.68 -5.89
C ARG B 261 2.97 23.92 -6.75
N MET B 262 2.14 24.95 -6.56
CA MET B 262 2.20 26.14 -7.37
C MET B 262 3.13 27.25 -6.81
N GLY B 263 3.92 26.97 -5.76
CA GLY B 263 4.62 28.03 -5.05
C GLY B 263 6.12 27.88 -4.99
N ASN B 264 6.77 28.60 -4.06
CA ASN B 264 8.22 28.48 -3.89
C ASN B 264 8.57 27.08 -3.43
N PRO B 265 9.84 26.70 -3.43
CA PRO B 265 10.18 25.31 -3.03
C PRO B 265 9.92 24.99 -1.58
N GLU B 266 9.62 25.99 -0.73
CA GLU B 266 9.30 25.76 0.68
C GLU B 266 7.81 25.61 0.91
N HIS B 267 7.01 26.41 0.21
CA HIS B 267 5.58 26.20 0.19
C HIS B 267 5.26 24.80 -0.34
N ASN B 268 5.92 24.40 -1.41
CA ASN B 268 5.66 23.11 -2.03
C ASN B 268 6.07 21.97 -1.13
N LYS B 269 7.17 22.17 -0.37
CA LYS B 269 7.64 21.19 0.60
C LYS B 269 6.66 21.04 1.75
N ALA B 270 6.09 22.15 2.18
CA ALA B 270 5.08 22.18 3.23
C ALA B 270 3.80 21.48 2.80
N LYS B 271 3.33 21.77 1.58
CA LYS B 271 2.17 21.04 1.01
C LYS B 271 2.47 19.56 0.84
N GLU B 272 3.70 19.21 0.48
CA GLU B 272 4.06 17.81 0.35
C GLU B 272 3.92 17.06 1.69
N ALA B 273 4.50 17.61 2.75
CA ALA B 273 4.40 17.01 4.07
C ALA B 273 2.95 16.92 4.53
N GLU B 274 2.19 17.98 4.28
CA GLU B 274 0.77 18.01 4.63
C GLU B 274 -0.01 16.91 3.91
N LEU B 275 0.24 16.74 2.60
CA LEU B 275 -0.41 15.68 1.84
C LEU B 275 -0.18 14.35 2.52
N LEU B 276 1.08 14.10 2.86
CA LEU B 276 1.53 12.82 3.34
C LEU B 276 0.91 12.40 4.67
N HIS B 277 0.36 13.36 5.42
CA HIS B 277 -0.09 13.12 6.78
C HIS B 277 -1.55 13.46 6.97
N ASP B 278 -2.22 13.90 5.91
CA ASP B 278 -3.61 14.28 6.00
C ASP B 278 -4.49 13.04 5.85
N SER B 279 -5.35 12.81 6.85
CA SER B 279 -6.07 11.54 6.91
C SER B 279 -7.10 11.40 5.78
N LYS B 280 -7.73 12.50 5.35
CA LYS B 280 -8.64 12.45 4.21
C LYS B 280 -7.89 12.00 2.95
N GLU B 281 -6.71 12.60 2.68
CA GLU B 281 -5.96 12.27 1.46
C GLU B 281 -5.41 10.87 1.53
N VAL B 282 -4.84 10.50 2.67
CA VAL B 282 -4.33 9.16 2.85
C VAL B 282 -5.45 8.14 2.65
N LEU B 283 -6.63 8.42 3.20
CA LEU B 283 -7.71 7.45 3.05
C LEU B 283 -8.13 7.41 1.59
N GLU B 284 -8.20 8.58 0.95
CA GLU B 284 -8.57 8.63 -0.46
C GLU B 284 -7.57 7.84 -1.32
N HIS B 285 -6.30 7.88 -0.95
CA HIS B 285 -5.29 7.18 -1.73
C HIS B 285 -5.39 5.65 -1.57
N ILE B 286 -5.55 5.18 -0.34
CA ILE B 286 -5.46 3.75 -0.03
C ILE B 286 -6.72 3.02 -0.49
N LEU B 287 -7.88 3.67 -0.42
CA LEU B 287 -9.07 3.08 -1.03
C LEU B 287 -8.80 2.75 -2.49
N SER B 288 -8.17 3.68 -3.24
CA SER B 288 -7.88 3.44 -4.64
C SER B 288 -6.79 2.38 -4.84
N VAL B 289 -5.70 2.40 -4.06
CA VAL B 289 -4.67 1.37 -4.18
C VAL B 289 -5.26 -0.02 -3.94
N LYS B 290 -6.09 -0.17 -2.93
CA LYS B 290 -6.63 -1.49 -2.64
C LYS B 290 -7.54 -1.98 -3.75
N GLU B 291 -8.29 -1.09 -4.40
CA GLU B 291 -9.05 -1.53 -5.56
C GLU B 291 -8.17 -1.95 -6.70
N ALA B 292 -7.01 -1.30 -6.87
CA ALA B 292 -6.11 -1.68 -7.95
C ALA B 292 -5.49 -3.03 -7.68
N ILE B 293 -5.12 -3.27 -6.43
CA ILE B 293 -4.56 -4.56 -6.03
C ILE B 293 -5.57 -5.67 -6.29
N ALA B 294 -6.80 -5.48 -5.83
CA ALA B 294 -7.79 -6.55 -6.00
C ALA B 294 -8.06 -6.82 -7.49
N GLU B 295 -8.06 -5.79 -8.34
CA GLU B 295 -8.29 -6.09 -9.75
C GLU B 295 -7.11 -6.84 -10.38
N LEU B 296 -5.88 -6.47 -10.03
CA LEU B 296 -4.73 -7.20 -10.54
C LEU B 296 -4.68 -8.64 -10.04
N GLU B 297 -5.18 -8.90 -8.84
CA GLU B 297 -5.18 -10.26 -8.33
C GLU B 297 -6.07 -11.15 -9.20
N ALA B 298 -7.09 -10.59 -9.82
CA ALA B 298 -7.97 -11.38 -10.66
C ALA B 298 -7.29 -11.85 -11.94
N VAL B 299 -6.06 -11.46 -12.24
CA VAL B 299 -5.45 -11.84 -13.49
C VAL B 299 -4.00 -12.22 -13.31
N CYS B 300 -3.52 -12.26 -12.07
CA CYS B 300 -2.12 -12.53 -11.78
C CYS B 300 -1.96 -13.86 -11.02
N LEU B 301 -0.76 -14.40 -11.12
CA LEU B 301 -0.39 -15.55 -10.31
C LEU B 301 -0.64 -15.25 -8.83
N PRO B 302 -1.24 -16.17 -8.09
CA PRO B 302 -1.56 -15.88 -6.69
C PRO B 302 -0.30 -15.57 -5.90
N GLY B 303 -0.39 -14.56 -5.06
CA GLY B 303 0.78 -14.13 -4.30
C GLY B 303 1.80 -13.33 -5.07
N SER B 304 1.54 -12.97 -6.33
CA SER B 304 2.50 -12.19 -7.10
C SER B 304 2.22 -10.70 -7.04
N VAL B 305 1.04 -10.28 -6.59
CA VAL B 305 0.70 -8.85 -6.56
C VAL B 305 1.23 -8.26 -5.26
N VAL B 306 2.12 -7.29 -5.38
CA VAL B 306 2.72 -6.61 -4.24
C VAL B 306 2.79 -5.11 -4.52
N VAL B 307 2.90 -4.34 -3.46
CA VAL B 307 3.18 -2.91 -3.53
C VAL B 307 4.69 -2.71 -3.41
N GLU B 308 5.30 -2.18 -4.46
CA GLU B 308 6.73 -1.96 -4.49
C GLU B 308 7.07 -0.58 -4.03
N ASP B 309 6.09 0.32 -4.05
CA ASP B 309 6.26 1.66 -3.53
C ASP B 309 4.94 2.12 -2.91
N LEU B 310 4.94 2.37 -1.61
CA LEU B 310 3.71 2.70 -0.89
C LEU B 310 3.62 4.20 -0.62
N MET B 311 2.68 4.85 -1.30
CA MET B 311 2.22 6.19 -0.96
C MET B 311 3.39 7.17 -0.81
N SER B 312 4.06 7.41 -1.92
CA SER B 312 5.05 8.48 -2.03
C SER B 312 4.46 9.62 -2.88
N VAL B 313 4.99 10.83 -2.71
CA VAL B 313 4.46 11.98 -3.42
C VAL B 313 5.07 12.02 -4.82
N ARG B 314 4.25 12.38 -5.82
CA ARG B 314 4.68 12.53 -7.21
C ARG B 314 4.35 13.96 -7.64
N GLN B 315 5.33 14.63 -8.23
CA GLN B 315 5.14 15.99 -8.74
C GLN B 315 4.60 15.92 -10.17
N ARG B 316 3.55 16.68 -10.42
CA ARG B 316 2.87 16.70 -11.69
C ARG B 316 2.51 18.15 -12.02
N GLY B 317 3.55 19.00 -12.07
CA GLY B 317 3.38 20.34 -12.61
C GLY B 317 2.76 21.32 -11.64
N SER B 318 1.45 21.52 -11.77
CA SER B 318 0.70 22.38 -10.88
C SER B 318 0.30 21.66 -9.59
N VAL B 319 0.39 20.34 -9.55
CA VAL B 319 -0.13 19.56 -8.43
C VAL B 319 0.87 18.49 -8.06
N GLN B 320 0.70 17.94 -6.87
CA GLN B 320 1.47 16.77 -6.43
C GLN B 320 0.50 15.80 -5.76
N HIS B 321 0.81 14.52 -5.88
CA HIS B 321 -0.16 13.48 -5.63
C HIS B 321 0.50 12.35 -4.86
N LEU B 322 -0.30 11.67 -4.07
CA LEU B 322 0.12 10.39 -3.53
C LEU B 322 0.05 9.34 -4.64
N GLY B 323 1.15 8.63 -4.82
CA GLY B 323 1.18 7.50 -5.73
C GLY B 323 1.69 6.24 -5.04
N SER B 324 1.19 5.12 -5.50
CA SER B 324 1.72 3.83 -5.14
C SER B 324 2.03 3.07 -6.40
N GLY B 325 3.10 2.27 -6.34
CA GLY B 325 3.46 1.37 -7.40
C GLY B 325 3.17 -0.07 -7.03
N VAL B 326 2.38 -0.71 -7.88
CA VAL B 326 1.84 -2.03 -7.63
C VAL B 326 2.25 -2.88 -8.83
N SER B 327 2.77 -4.09 -8.57
CA SER B 327 3.20 -5.00 -9.62
C SER B 327 2.60 -6.36 -9.39
N GLY B 328 2.78 -7.19 -10.41
CA GLY B 328 2.05 -8.45 -10.52
C GLY B 328 2.60 -9.25 -11.66
N GLN B 329 2.30 -10.54 -11.65
CA GLN B 329 2.75 -11.42 -12.72
C GLN B 329 1.52 -12.06 -13.33
N LEU B 330 1.34 -11.87 -14.64
CA LEU B 330 0.14 -12.35 -15.29
C LEU B 330 0.09 -13.87 -15.24
N ALA B 331 -1.11 -14.38 -14.94
CA ALA B 331 -1.44 -15.78 -15.08
C ALA B 331 -1.14 -16.25 -16.48
N GLU B 332 -1.07 -17.57 -16.67
CA GLU B 332 -0.74 -18.07 -18.00
C GLU B 332 -1.94 -17.92 -18.93
N ASN B 333 -3.16 -17.94 -18.39
CA ASN B 333 -4.37 -17.74 -19.18
C ASN B 333 -4.77 -16.26 -19.33
N LYS B 334 -3.83 -15.31 -19.26
CA LYS B 334 -4.20 -13.89 -19.28
C LYS B 334 -3.15 -13.11 -20.04
N ASP B 335 -3.60 -12.07 -20.75
CA ASP B 335 -2.71 -11.20 -21.49
C ASP B 335 -2.99 -9.73 -21.12
N ALA B 336 -2.19 -8.83 -21.69
CA ALA B 336 -2.29 -7.41 -21.37
C ALA B 336 -3.72 -6.90 -21.59
N TRP B 337 -4.40 -7.37 -22.63
CA TRP B 337 -5.80 -6.97 -22.80
C TRP B 337 -6.65 -7.42 -21.63
N ASP B 338 -6.34 -8.57 -21.04
CA ASP B 338 -7.06 -8.96 -19.83
C ASP B 338 -6.76 -8.01 -18.69
N ALA B 339 -5.47 -7.66 -18.51
CA ALA B 339 -5.10 -6.73 -17.44
C ALA B 339 -5.78 -5.38 -17.64
N PHE B 340 -5.72 -4.85 -18.87
CA PHE B 340 -6.27 -3.51 -19.12
C PHE B 340 -7.77 -3.48 -18.83
N THR B 341 -8.49 -4.53 -19.20
CA THR B 341 -9.92 -4.56 -18.97
C THR B 341 -10.27 -4.53 -17.48
N VAL B 342 -9.50 -5.19 -16.61
CA VAL B 342 -9.83 -5.09 -15.18
C VAL B 342 -9.24 -3.84 -14.53
N LEU B 343 -8.06 -3.39 -14.96
CA LEU B 343 -7.43 -2.22 -14.32
C LEU B 343 -8.13 -0.92 -14.69
N PHE B 344 -8.36 -0.69 -15.96
CA PHE B 344 -8.89 0.61 -16.39
C PHE B 344 -10.11 1.02 -15.58
N PRO B 345 -11.11 0.15 -15.34
CA PRO B 345 -12.30 0.59 -14.60
C PRO B 345 -12.09 0.95 -13.12
N SER B 346 -10.96 0.58 -12.49
CA SER B 346 -10.59 1.10 -11.17
C SER B 346 -9.64 2.29 -11.25
N ILE B 347 -8.61 2.21 -12.11
CA ILE B 347 -7.63 3.28 -12.23
C ILE B 347 -8.20 4.52 -12.91
N THR B 348 -9.24 4.35 -13.74
CA THR B 348 -9.91 5.51 -14.31
C THR B 348 -10.62 6.28 -13.19
N ALA B 349 -10.95 7.56 -13.48
CA ALA B 349 -11.62 8.43 -12.52
C ALA B 349 -13.06 8.01 -12.30
N SER B 350 -13.26 6.84 -11.69
CA SER B 350 -14.59 6.28 -11.53
C SER B 350 -14.98 6.40 -10.07
N GLY B 351 -14.62 5.48 -9.23
CA GLY B 351 -15.00 5.47 -7.84
C GLY B 351 -15.14 4.02 -7.36
N ILE B 352 -15.83 3.88 -6.24
CA ILE B 352 -15.81 2.67 -5.42
C ILE B 352 -17.13 2.57 -4.72
N PRO B 353 -17.86 1.44 -4.87
CA PRO B 353 -17.63 0.39 -5.88
C PRO B 353 -17.84 0.91 -7.32
N LYS B 354 -17.04 0.32 -8.20
CA LYS B 354 -16.93 0.76 -9.59
C LYS B 354 -18.28 1.03 -10.22
N ASN B 355 -19.20 0.06 -10.13
CA ASN B 355 -20.43 0.14 -10.91
C ASN B 355 -21.33 1.22 -10.37
N ALA B 356 -21.44 1.31 -9.04
CA ALA B 356 -22.21 2.38 -8.42
C ALA B 356 -21.64 3.74 -8.80
N ALA B 357 -20.33 3.90 -8.68
CA ALA B 357 -19.72 5.18 -8.97
C ALA B 357 -19.88 5.54 -10.46
N LEU B 358 -19.73 4.56 -11.34
CA LEU B 358 -19.97 4.82 -12.76
C LEU B 358 -21.41 5.28 -13.00
N ASN B 359 -22.38 4.61 -12.36
CA ASN B 359 -23.78 5.04 -12.47
C ASN B 359 -23.97 6.44 -11.94
N ALA B 360 -23.37 6.73 -10.78
CA ALA B 360 -23.50 8.07 -10.22
C ALA B 360 -22.93 9.13 -11.16
N ILE B 361 -21.80 8.85 -11.83
CA ILE B 361 -21.23 9.84 -12.74
C ILE B 361 -22.22 10.17 -13.85
N MET B 362 -22.84 9.14 -14.42
CA MET B 362 -23.78 9.37 -15.52
C MET B 362 -25.02 10.13 -15.04
N GLN B 363 -25.40 10.00 -13.77
CA GLN B 363 -26.55 10.80 -13.28
C GLN B 363 -26.13 12.22 -12.98
N ILE B 364 -24.91 12.41 -12.48
CA ILE B 364 -24.50 13.69 -11.97
C ILE B 364 -23.93 14.59 -13.07
N GLU B 365 -23.13 14.06 -13.99
CA GLU B 365 -22.45 14.89 -14.95
C GLU B 365 -23.35 15.12 -16.17
N LYS B 366 -23.28 16.34 -16.74
CA LYS B 366 -24.27 16.79 -17.72
C LYS B 366 -23.72 16.89 -19.14
N THR B 367 -22.43 16.64 -19.35
CA THR B 367 -21.81 16.46 -20.67
C THR B 367 -21.07 15.13 -20.72
N PRO B 368 -20.89 14.54 -21.88
CA PRO B 368 -20.13 13.27 -21.93
C PRO B 368 -18.64 13.52 -21.74
N ARG B 369 -18.01 12.62 -20.99
CA ARG B 369 -16.56 12.67 -20.80
C ARG B 369 -15.81 12.45 -22.11
N GLU B 370 -16.35 11.61 -22.98
CA GLU B 370 -15.64 11.19 -24.18
C GLU B 370 -14.29 10.58 -23.79
N LEU B 371 -13.19 11.22 -24.17
CA LEU B 371 -11.85 10.72 -23.89
C LEU B 371 -11.34 11.15 -22.52
N TYR B 372 -11.96 12.14 -21.87
CA TYR B 372 -11.49 12.53 -20.54
C TYR B 372 -11.64 11.35 -19.60
N SER B 373 -10.58 11.09 -18.83
CA SER B 373 -10.37 9.91 -17.99
C SER B 373 -10.45 8.60 -18.77
N GLY B 374 -10.27 8.65 -20.10
CA GLY B 374 -9.93 7.46 -20.87
C GLY B 374 -8.43 7.14 -20.81
N ALA B 375 -7.97 6.41 -21.81
CA ALA B 375 -6.58 6.01 -21.87
C ALA B 375 -6.03 6.24 -23.26
N ILE B 376 -4.72 6.49 -23.27
CA ILE B 376 -3.90 6.49 -24.48
C ILE B 376 -2.96 5.30 -24.38
N LEU B 377 -2.83 4.58 -25.47
CA LEU B 377 -2.07 3.34 -25.55
C LEU B 377 -0.91 3.50 -26.51
N LEU B 378 0.25 2.95 -26.16
CA LEU B 378 1.29 2.68 -27.13
C LEU B 378 1.66 1.21 -26.98
N LEU B 379 1.45 0.45 -28.04
CA LEU B 379 1.54 -1.00 -28.00
C LEU B 379 2.59 -1.46 -28.98
N ASP B 380 3.10 -2.64 -28.66
CA ASP B 380 4.15 -3.35 -29.33
C ASP B 380 3.79 -4.82 -29.14
N ASP B 381 4.47 -5.72 -29.87
CA ASP B 381 4.34 -7.15 -29.55
C ASP B 381 5.08 -7.50 -28.25
N THR B 382 6.07 -6.69 -27.83
CA THR B 382 6.70 -6.87 -26.52
C THR B 382 5.89 -6.22 -25.40
N ARG B 383 5.36 -5.01 -25.64
CA ARG B 383 5.02 -4.11 -24.56
C ARG B 383 3.71 -3.35 -24.78
N PHE B 384 2.94 -3.29 -23.70
CA PHE B 384 1.65 -2.63 -23.66
C PHE B 384 1.76 -1.52 -22.61
N ASP B 385 1.69 -0.28 -23.08
CA ASP B 385 1.82 0.93 -22.28
C ASP B 385 0.48 1.67 -22.35
N ALA B 386 -0.07 2.08 -21.19
CA ALA B 386 -1.34 2.82 -21.18
C ALA B 386 -1.32 3.93 -20.13
N ALA B 387 -1.61 5.18 -20.56
CA ALA B 387 -1.63 6.36 -19.69
C ALA B 387 -3.04 6.89 -19.55
N LEU B 388 -3.39 7.35 -18.35
CA LEU B 388 -4.72 7.91 -18.11
C LEU B 388 -4.83 9.30 -18.68
N VAL B 389 -5.97 9.59 -19.34
CA VAL B 389 -6.18 10.91 -19.98
C VAL B 389 -6.76 11.84 -18.91
N LEU B 390 -5.88 12.61 -18.30
CA LEU B 390 -6.21 13.75 -17.45
C LEU B 390 -5.28 14.87 -17.87
N ARG B 391 -5.53 16.06 -17.32
CA ARG B 391 -4.72 17.23 -17.58
C ARG B 391 -4.63 17.45 -19.09
N SER B 392 -5.78 17.40 -19.73
CA SER B 392 -5.83 17.36 -21.18
C SER B 392 -6.90 18.29 -21.74
N VAL B 393 -6.75 18.60 -23.02
CA VAL B 393 -7.66 19.45 -23.76
C VAL B 393 -8.18 18.64 -24.94
N PHE B 394 -9.43 18.93 -25.33
CA PHE B 394 -10.19 18.19 -26.34
C PHE B 394 -10.92 19.16 -27.28
N GLN B 395 -10.97 18.82 -28.57
CA GLN B 395 -11.78 19.55 -29.53
C GLN B 395 -12.24 18.65 -30.67
N ASP B 396 -13.49 18.82 -31.07
CA ASP B 396 -14.07 18.12 -32.21
C ASP B 396 -14.88 19.14 -33.00
N SER B 397 -15.79 18.65 -33.85
CA SER B 397 -16.57 19.56 -34.71
C SER B 397 -17.54 20.44 -33.91
N GLN B 398 -17.96 19.98 -32.73
CA GLN B 398 -18.95 20.65 -31.90
C GLN B 398 -18.41 21.36 -30.67
N ARG B 399 -17.33 20.86 -30.04
CA ARG B 399 -16.89 21.35 -28.75
C ARG B 399 -15.38 21.52 -28.73
N CYS B 400 -14.95 22.41 -27.86
CA CYS B 400 -13.59 22.57 -27.42
C CYS B 400 -13.62 22.75 -25.90
N TRP B 401 -12.87 21.92 -25.15
CA TRP B 401 -12.95 21.99 -23.70
C TRP B 401 -11.72 21.38 -23.02
N ILE B 402 -11.54 21.76 -21.75
CA ILE B 402 -10.69 21.05 -20.80
C ILE B 402 -11.58 20.48 -19.71
N GLN B 403 -11.04 19.55 -18.94
CA GLN B 403 -11.85 18.86 -17.95
C GLN B 403 -10.95 18.40 -16.80
N ALA B 404 -11.48 18.52 -15.58
CA ALA B 404 -10.82 17.97 -14.40
C ALA B 404 -11.85 17.65 -13.32
N GLY B 405 -11.48 16.71 -12.46
CA GLY B 405 -12.34 16.27 -11.39
C GLY B 405 -11.60 16.07 -10.09
N ALA B 406 -12.31 15.53 -9.12
CA ALA B 406 -11.79 15.36 -7.77
C ALA B 406 -12.50 14.13 -7.21
N GLY B 407 -11.73 13.27 -6.53
CA GLY B 407 -12.31 12.10 -5.91
C GLY B 407 -13.11 12.54 -4.69
N ILE B 408 -14.39 12.21 -4.65
CA ILE B 408 -15.26 12.60 -3.55
C ILE B 408 -15.41 11.42 -2.60
N ILE B 409 -15.14 11.64 -1.31
CA ILE B 409 -15.43 10.66 -0.29
C ILE B 409 -16.23 11.36 0.83
N ALA B 410 -16.67 10.56 1.82
CA ALA B 410 -17.52 11.09 2.90
C ALA B 410 -16.94 12.37 3.48
N GLN B 411 -15.63 12.39 3.73
CA GLN B 411 -14.94 13.54 4.31
C GLN B 411 -14.82 14.74 3.38
N SER B 412 -15.13 14.62 2.11
CA SER B 412 -14.88 15.73 1.20
C SER B 412 -15.79 16.91 1.54
N THR B 413 -15.30 18.11 1.22
CA THR B 413 -15.89 19.45 1.27
C THR B 413 -16.04 20.03 -0.14
N PRO B 414 -17.16 20.69 -0.47
CA PRO B 414 -17.29 21.21 -1.83
C PRO B 414 -16.28 22.29 -2.19
N GLU B 415 -15.97 23.19 -1.25
CA GLU B 415 -15.00 24.23 -1.56
C GLU B 415 -13.61 23.66 -1.78
N ARG B 416 -13.18 22.71 -0.96
CA ARG B 416 -11.88 22.14 -1.17
C ARG B 416 -11.84 21.46 -2.54
N GLU B 417 -12.86 20.67 -2.86
CA GLU B 417 -12.80 19.93 -4.12
C GLU B 417 -12.87 20.87 -5.32
N LEU B 418 -13.57 22.01 -5.21
CA LEU B 418 -13.54 22.97 -6.31
C LEU B 418 -12.16 23.57 -6.44
N THR B 419 -11.57 24.00 -5.32
CA THR B 419 -10.20 24.46 -5.36
C THR B 419 -9.30 23.42 -6.05
N GLU B 420 -9.54 22.13 -5.75
CA GLU B 420 -8.65 21.09 -6.26
C GLU B 420 -8.80 20.93 -7.77
N THR B 421 -10.02 21.06 -8.31
CA THR B 421 -10.13 21.03 -9.78
C THR B 421 -9.38 22.21 -10.38
N ARG B 422 -9.35 23.37 -9.71
CA ARG B 422 -8.61 24.49 -10.26
C ARG B 422 -7.11 24.29 -10.17
N GLU B 423 -6.64 23.64 -9.09
CA GLU B 423 -5.22 23.30 -9.01
C GLU B 423 -4.84 22.39 -10.17
N LYS B 424 -5.69 21.43 -10.48
CA LYS B 424 -5.37 20.50 -11.56
C LYS B 424 -5.49 21.19 -12.91
N LEU B 425 -6.57 21.93 -13.14
CA LEU B 425 -6.72 22.66 -14.38
C LEU B 425 -5.53 23.56 -14.64
N ALA B 426 -4.87 24.05 -13.58
CA ALA B 426 -3.72 24.91 -13.82
C ALA B 426 -2.53 24.14 -14.43
N SER B 427 -2.63 22.82 -14.62
CA SER B 427 -1.62 22.10 -15.39
C SER B 427 -1.72 22.37 -16.90
N ILE B 428 -2.88 22.78 -17.41
CA ILE B 428 -3.11 22.90 -18.85
C ILE B 428 -3.71 24.27 -19.23
N ALA B 429 -4.68 24.77 -18.44
CA ALA B 429 -5.39 26.01 -18.78
C ALA B 429 -4.47 27.15 -19.16
N PRO B 430 -3.39 27.43 -18.44
CA PRO B 430 -2.55 28.58 -18.79
C PRO B 430 -1.70 28.41 -20.05
N TYR B 431 -1.70 27.25 -20.68
CA TYR B 431 -0.76 26.95 -21.75
C TYR B 431 -1.49 26.64 -23.04
N LEU B 432 -2.81 26.78 -23.03
CA LEU B 432 -3.58 26.76 -24.26
C LEU B 432 -3.23 27.98 -25.12
N MET B 433 -3.07 27.74 -26.41
CA MET B 433 -2.57 28.72 -27.36
C MET B 433 -3.45 28.68 -28.60
N VAL B 434 -3.43 29.80 -29.34
CA VAL B 434 -4.11 29.95 -30.63
C VAL B 434 -3.26 30.74 -31.63
#